data_8BV0
#
_entry.id   8BV0
#
_cell.length_a   128.560
_cell.length_b   128.560
_cell.length_c   170.680
_cell.angle_alpha   90.000
_cell.angle_beta   90.000
_cell.angle_gamma   120.000
#
_symmetry.space_group_name_H-M   'P 61'
#
loop_
_entity.id
_entity.type
_entity.pdbx_description
1 polymer NRC1
2 polymer 'Truncated secreted SPRY domain-containing protein 15 (Fragment)'
3 non-polymer "ADENOSINE-5'-DIPHOSPHATE"
#
loop_
_entity_poly.entity_id
_entity_poly.type
_entity_poly.pdbx_seq_one_letter_code
_entity_poly.pdbx_strand_id
1 'polypeptide(L)'
;GPPVVEEDDVVGFDDEAQTVIDRLLEGSGDLEVIPVVGMPGLGKTTLATKIFKHPKIEYEFFTRLWLYVSQSYKTRELYL
NIISKFTGNTKHCRDMSEKDLALKVQEILEEGGKYLIVLDDVWSTDAWDRIKIAFPKNDKGNRVLLTTRDHRVARYCNRS
PHDLKFLTDEESWILLEKRAFHKAKCLPELETNGKSIARKCKGLPLAIVVIAGALIGKSKTIKEWEQVDQSVGEHFINRD
QPNSCDKLVRMSYDVLPYDWKACFLYFGTFPRGYLIPARKLIRLWIAEGFIQYRGDLSPECKAEEYLNELVNRNLVMVMQ
RTVDGQIKTCRVHDMLYEFCWQEATTE
;
A,C
2 'polypeptide(L)'
;GPSPKANAKLEKVPSGNAESTPVLTLQNRWAYSARDEKLAWDSAARDEKLELTEPAGLIVQFIGENSKHRSVRAKLPIPK
GNSGIFYYEVTISGDGDAIYIGLATEQMPLRDTHVGYNEGTYGYGSSGKFWGHEVGGCSHWGNERPYIDGQPKFDRNNII
GCGVNLKTRQIIYTHNGRPLETTGLLVAESAAELYPCVSLFTSGNEIEANFGTKPFKFNIAEGI
;
B,D
#
loop_
_chem_comp.id
_chem_comp.type
_chem_comp.name
_chem_comp.formula
ADP non-polymer ADENOSINE-5'-DIPHOSPHATE 'C10 H15 N5 O10 P2'
#
# COMPACT_ATOMS: atom_id res chain seq x y z
N GLU A 6 -10.23 -29.21 -0.22
CA GLU A 6 -11.40 -30.13 -0.15
C GLU A 6 -12.68 -29.32 -0.37
N GLU A 7 -13.39 -29.63 -1.47
CA GLU A 7 -14.70 -29.04 -1.75
C GLU A 7 -15.71 -29.44 -0.68
N ASP A 8 -15.50 -30.63 -0.10
CA ASP A 8 -16.34 -31.17 0.96
C ASP A 8 -16.43 -30.19 2.13
N ASP A 9 -15.35 -29.43 2.37
CA ASP A 9 -15.23 -28.59 3.56
C ASP A 9 -15.97 -27.26 3.40
N VAL A 10 -16.56 -27.00 2.22
CA VAL A 10 -17.25 -25.74 1.96
C VAL A 10 -18.66 -25.80 2.58
N VAL A 11 -18.99 -24.81 3.42
CA VAL A 11 -20.15 -24.85 4.29
C VAL A 11 -21.07 -23.66 4.00
N GLY A 12 -22.34 -23.95 3.65
CA GLY A 12 -23.44 -23.03 3.83
C GLY A 12 -23.51 -21.91 2.80
N PHE A 13 -22.75 -22.04 1.71
CA PHE A 13 -22.62 -20.98 0.72
C PHE A 13 -23.34 -21.37 -0.58
N ASP A 14 -24.38 -22.20 -0.46
CA ASP A 14 -24.97 -22.84 -1.63
C ASP A 14 -25.95 -21.89 -2.31
N ASP A 15 -26.83 -21.26 -1.51
CA ASP A 15 -27.80 -20.31 -2.04
C ASP A 15 -27.08 -19.02 -2.46
N GLU A 16 -25.97 -18.73 -1.77
CA GLU A 16 -25.09 -17.64 -2.16
C GLU A 16 -24.58 -17.88 -3.57
N ALA A 17 -24.09 -19.10 -3.83
CA ALA A 17 -23.59 -19.48 -5.14
C ALA A 17 -24.71 -19.40 -6.17
N GLN A 18 -25.91 -19.88 -5.80
CA GLN A 18 -27.08 -19.89 -6.65
C GLN A 18 -27.41 -18.46 -7.10
N THR A 19 -27.54 -17.55 -6.15
CA THR A 19 -28.01 -16.19 -6.42
C THR A 19 -27.00 -15.48 -7.32
N VAL A 20 -25.71 -15.83 -7.18
CA VAL A 20 -24.64 -15.26 -7.99
C VAL A 20 -24.70 -15.83 -9.40
N ILE A 21 -24.97 -17.15 -9.50
CA ILE A 21 -25.08 -17.80 -10.80
C ILE A 21 -26.27 -17.22 -11.57
N ASP A 22 -27.34 -16.87 -10.85
CA ASP A 22 -28.53 -16.28 -11.45
C ASP A 22 -28.19 -14.95 -12.12
N ARG A 23 -27.38 -14.13 -11.43
CA ARG A 23 -26.99 -12.81 -11.93
C ARG A 23 -26.01 -12.94 -13.09
N LEU A 24 -25.24 -14.05 -13.13
CA LEU A 24 -24.33 -14.34 -14.23
C LEU A 24 -25.10 -14.72 -15.49
N LEU A 25 -26.19 -15.49 -15.30
CA LEU A 25 -26.99 -16.00 -16.40
C LEU A 25 -27.94 -14.91 -16.91
N GLU A 26 -28.38 -14.02 -16.02
CA GLU A 26 -29.20 -12.87 -16.40
C GLU A 26 -28.34 -11.81 -17.09
N GLY A 27 -28.99 -10.88 -17.78
CA GLY A 27 -28.32 -9.76 -18.41
C GLY A 27 -28.32 -9.86 -19.94
N SER A 28 -27.86 -8.79 -20.60
CA SER A 28 -27.87 -8.66 -22.04
C SER A 28 -26.65 -9.37 -22.64
N GLY A 29 -26.47 -9.22 -23.95
CA GLY A 29 -25.32 -9.76 -24.66
C GLY A 29 -24.02 -9.02 -24.34
N ASP A 30 -24.13 -7.77 -23.86
CA ASP A 30 -22.97 -6.97 -23.54
C ASP A 30 -22.19 -7.58 -22.39
N LEU A 31 -20.94 -7.14 -22.25
CA LEU A 31 -20.09 -7.56 -21.15
C LEU A 31 -20.67 -7.05 -19.84
N GLU A 32 -20.95 -7.99 -18.92
CA GLU A 32 -21.56 -7.69 -17.62
C GLU A 32 -20.60 -8.11 -16.51
N VAL A 33 -20.33 -7.23 -15.54
CA VAL A 33 -19.34 -7.47 -14.49
C VAL A 33 -20.03 -7.58 -13.14
N ILE A 34 -19.68 -8.65 -12.40
CA ILE A 34 -20.39 -9.03 -11.19
C ILE A 34 -19.43 -8.98 -10.00
N PRO A 35 -19.49 -7.91 -9.18
CA PRO A 35 -18.65 -7.79 -7.97
C PRO A 35 -19.22 -8.39 -6.68
N VAL A 36 -18.43 -9.29 -6.07
CA VAL A 36 -18.71 -9.82 -4.74
C VAL A 36 -17.81 -9.11 -3.74
N VAL A 37 -18.42 -8.52 -2.70
CA VAL A 37 -17.69 -7.71 -1.74
C VAL A 37 -17.91 -8.25 -0.33
N GLY A 38 -16.99 -7.88 0.57
CA GLY A 38 -16.99 -8.30 1.96
C GLY A 38 -15.60 -8.10 2.55
N MET A 39 -15.50 -8.08 3.89
CA MET A 39 -14.22 -7.81 4.52
C MET A 39 -13.28 -8.99 4.26
N PRO A 40 -11.95 -8.82 4.40
CA PRO A 40 -11.02 -9.94 4.25
C PRO A 40 -11.42 -11.13 5.13
N GLY A 41 -11.27 -12.34 4.59
CA GLY A 41 -11.48 -13.57 5.35
C GLY A 41 -12.93 -14.05 5.34
N LEU A 42 -13.83 -13.30 4.68
CA LEU A 42 -15.25 -13.63 4.71
C LEU A 42 -15.54 -14.76 3.73
N GLY A 43 -14.56 -15.08 2.88
CA GLY A 43 -14.61 -16.26 2.03
C GLY A 43 -14.94 -15.95 0.58
N LYS A 44 -14.64 -14.71 0.15
CA LYS A 44 -14.94 -14.25 -1.19
C LYS A 44 -14.26 -15.17 -2.21
N THR A 45 -12.97 -15.44 -2.02
CA THR A 45 -12.20 -16.26 -2.94
C THR A 45 -12.73 -17.70 -2.92
N THR A 46 -13.23 -18.13 -1.75
CA THR A 46 -13.77 -19.46 -1.59
C THR A 46 -15.04 -19.61 -2.42
N LEU A 47 -15.94 -18.63 -2.32
CA LEU A 47 -17.19 -18.63 -3.05
C LEU A 47 -16.92 -18.57 -4.57
N ALA A 48 -15.94 -17.73 -4.96
CA ALA A 48 -15.58 -17.58 -6.36
C ALA A 48 -15.18 -18.93 -6.97
N THR A 49 -14.46 -19.76 -6.19
CA THR A 49 -14.01 -21.07 -6.63
C THR A 49 -15.20 -22.03 -6.74
N LYS A 50 -16.15 -21.91 -5.80
CA LYS A 50 -17.34 -22.74 -5.78
C LYS A 50 -18.16 -22.53 -7.05
N ILE A 51 -18.33 -21.26 -7.46
CA ILE A 51 -19.11 -20.90 -8.63
C ILE A 51 -18.34 -21.27 -9.91
N PHE A 52 -17.01 -21.11 -9.89
CA PHE A 52 -16.16 -21.39 -11.04
C PHE A 52 -16.23 -22.86 -11.43
N LYS A 53 -16.39 -23.74 -10.42
CA LYS A 53 -16.37 -25.19 -10.63
C LYS A 53 -17.79 -25.74 -10.79
N HIS A 54 -18.80 -24.86 -10.69
CA HIS A 54 -20.20 -25.27 -10.72
C HIS A 54 -20.56 -25.82 -12.10
N PRO A 55 -21.16 -27.03 -12.18
CA PRO A 55 -21.54 -27.62 -13.47
C PRO A 55 -22.26 -26.71 -14.46
N LYS A 56 -23.24 -25.92 -13.99
CA LYS A 56 -24.09 -25.12 -14.86
C LYS A 56 -23.34 -23.90 -15.39
N ILE A 57 -22.29 -23.47 -14.68
CA ILE A 57 -21.44 -22.38 -15.15
C ILE A 57 -20.44 -22.91 -16.18
N GLU A 58 -19.99 -24.16 -16.01
CA GLU A 58 -19.13 -24.81 -16.99
C GLU A 58 -19.92 -25.06 -18.28
N TYR A 59 -21.24 -25.22 -18.12
CA TYR A 59 -22.16 -25.47 -19.22
C TYR A 59 -22.37 -24.20 -20.04
N GLU A 60 -22.70 -23.09 -19.38
CA GLU A 60 -23.01 -21.84 -20.06
C GLU A 60 -21.75 -21.19 -20.61
N PHE A 61 -20.74 -21.04 -19.74
CA PHE A 61 -19.48 -20.41 -20.10
C PHE A 61 -18.40 -21.48 -20.21
N PHE A 62 -18.10 -21.91 -21.44
CA PHE A 62 -17.06 -22.91 -21.66
C PHE A 62 -15.69 -22.28 -21.49
N THR A 63 -15.50 -21.07 -22.03
CA THR A 63 -14.25 -20.35 -21.89
C THR A 63 -14.16 -19.75 -20.49
N ARG A 64 -13.35 -20.37 -19.63
CA ARG A 64 -13.23 -19.96 -18.24
C ARG A 64 -11.75 -19.77 -17.86
N LEU A 65 -11.47 -18.75 -17.04
CA LEU A 65 -10.11 -18.41 -16.63
C LEU A 65 -10.13 -17.71 -15.28
N TRP A 66 -9.10 -18.01 -14.46
CA TRP A 66 -8.94 -17.47 -13.12
C TRP A 66 -7.67 -16.62 -13.05
N LEU A 67 -7.78 -15.40 -12.51
CA LEU A 67 -6.65 -14.48 -12.39
C LEU A 67 -6.65 -13.85 -10.99
N TYR A 68 -5.52 -13.96 -10.28
CA TYR A 68 -5.34 -13.36 -8.97
C TYR A 68 -4.70 -11.98 -9.13
N VAL A 69 -5.50 -10.92 -8.98
CA VAL A 69 -5.02 -9.56 -9.16
C VAL A 69 -4.63 -8.98 -7.80
N SER A 70 -3.42 -9.34 -7.33
CA SER A 70 -2.86 -8.83 -6.09
C SER A 70 -2.86 -7.30 -6.10
N GLN A 71 -2.98 -6.69 -4.91
CA GLN A 71 -2.78 -5.25 -4.73
C GLN A 71 -1.49 -4.78 -5.41
N SER A 72 -0.54 -5.71 -5.65
CA SER A 72 0.78 -5.38 -6.18
C SER A 72 0.96 -5.92 -7.60
N TYR A 73 -0.09 -5.85 -8.44
CA TYR A 73 -0.05 -6.42 -9.78
C TYR A 73 0.02 -5.32 -10.84
N LYS A 74 0.71 -5.62 -11.95
CA LYS A 74 0.92 -4.69 -13.06
C LYS A 74 0.24 -5.25 -14.32
N THR A 75 -0.23 -4.36 -15.20
CA THR A 75 -1.13 -4.70 -16.29
C THR A 75 -0.41 -5.50 -17.39
N ARG A 76 0.87 -5.19 -17.64
CA ARG A 76 1.66 -5.90 -18.63
C ARG A 76 1.64 -7.40 -18.34
N GLU A 77 1.80 -7.74 -17.06
CA GLU A 77 1.91 -9.12 -16.58
C GLU A 77 0.62 -9.87 -16.80
N LEU A 78 -0.50 -9.17 -16.58
CA LEU A 78 -1.83 -9.72 -16.70
C LEU A 78 -2.06 -10.20 -18.13
N TYR A 79 -1.75 -9.34 -19.11
CA TYR A 79 -1.95 -9.67 -20.51
C TYR A 79 -1.09 -10.88 -20.89
N LEU A 80 0.16 -10.90 -20.41
CA LEU A 80 1.09 -11.99 -20.69
C LEU A 80 0.62 -13.29 -20.04
N ASN A 81 0.00 -13.20 -18.85
CA ASN A 81 -0.58 -14.36 -18.18
C ASN A 81 -1.70 -14.95 -19.02
N ILE A 82 -2.58 -14.09 -19.54
CA ILE A 82 -3.71 -14.52 -20.36
C ILE A 82 -3.21 -15.24 -21.62
N ILE A 83 -2.28 -14.59 -22.34
CA ILE A 83 -1.79 -15.11 -23.61
C ILE A 83 -1.18 -16.49 -23.41
N SER A 84 -0.43 -16.67 -22.30
CA SER A 84 0.22 -17.94 -22.00
C SER A 84 -0.81 -19.05 -21.78
N LYS A 85 -1.97 -18.69 -21.23
CA LYS A 85 -3.02 -19.65 -20.89
C LYS A 85 -3.67 -20.20 -22.15
N PHE A 86 -3.88 -19.32 -23.15
CA PHE A 86 -4.66 -19.65 -24.34
C PHE A 86 -3.78 -20.28 -25.41
N THR A 87 -2.59 -19.71 -25.63
CA THR A 87 -1.74 -20.08 -26.75
C THR A 87 -0.54 -20.90 -26.30
N GLY A 88 0.02 -20.58 -25.13
CA GLY A 88 1.18 -21.28 -24.60
C GLY A 88 2.49 -20.79 -25.24
N ASN A 89 2.41 -19.67 -25.96
CA ASN A 89 3.55 -19.12 -26.68
C ASN A 89 3.58 -17.61 -26.44
N THR A 90 4.38 -17.18 -25.45
CA THR A 90 4.53 -15.78 -25.10
C THR A 90 5.84 -15.23 -25.65
N LYS A 91 6.58 -16.07 -26.38
CA LYS A 91 7.87 -15.72 -26.96
C LYS A 91 7.83 -14.35 -27.61
N HIS A 92 6.92 -14.20 -28.57
CA HIS A 92 6.87 -13.03 -29.43
C HIS A 92 6.31 -11.83 -28.65
N CYS A 93 5.62 -12.11 -27.54
CA CYS A 93 4.93 -11.09 -26.77
C CYS A 93 5.80 -10.56 -25.62
N ARG A 94 6.97 -11.16 -25.40
CA ARG A 94 7.85 -10.73 -24.32
C ARG A 94 8.37 -9.31 -24.57
N ASP A 95 8.43 -8.89 -25.84
CA ASP A 95 8.86 -7.55 -26.19
C ASP A 95 7.72 -6.74 -26.81
N MET A 96 6.50 -7.30 -26.85
CA MET A 96 5.35 -6.56 -27.37
C MET A 96 4.97 -5.49 -26.35
N SER A 97 4.51 -4.33 -26.85
CA SER A 97 4.06 -3.24 -26.00
C SER A 97 2.73 -3.63 -25.33
N GLU A 98 2.33 -2.85 -24.32
CA GLU A 98 1.17 -3.18 -23.51
C GLU A 98 -0.11 -3.17 -24.36
N LYS A 99 -0.17 -2.29 -25.37
CA LYS A 99 -1.30 -2.21 -26.28
C LYS A 99 -1.31 -3.42 -27.22
N ASP A 100 -0.13 -3.78 -27.74
CA ASP A 100 0.02 -4.90 -28.66
C ASP A 100 -0.37 -6.20 -27.97
N LEU A 101 -0.03 -6.31 -26.67
CA LEU A 101 -0.43 -7.43 -25.82
C LEU A 101 -1.94 -7.45 -25.63
N ALA A 102 -2.51 -6.27 -25.33
CA ALA A 102 -3.94 -6.12 -25.06
C ALA A 102 -4.76 -6.45 -26.30
N LEU A 103 -4.34 -5.91 -27.45
CA LEU A 103 -5.00 -6.17 -28.72
C LEU A 103 -4.90 -7.66 -29.06
N LYS A 104 -3.75 -8.28 -28.74
CA LYS A 104 -3.53 -9.69 -28.98
C LYS A 104 -4.51 -10.53 -28.14
N VAL A 105 -4.75 -10.11 -26.89
CA VAL A 105 -5.71 -10.79 -26.02
C VAL A 105 -7.13 -10.57 -26.56
N GLN A 106 -7.41 -9.33 -26.99
CA GLN A 106 -8.72 -8.98 -27.49
C GLN A 106 -9.07 -9.84 -28.71
N GLU A 107 -8.06 -10.12 -29.54
CA GLU A 107 -8.19 -11.01 -30.69
C GLU A 107 -8.60 -12.42 -30.22
N ILE A 108 -7.89 -12.94 -29.21
CA ILE A 108 -8.15 -14.27 -28.68
C ILE A 108 -9.57 -14.36 -28.13
N LEU A 109 -10.05 -13.26 -27.53
CA LEU A 109 -11.36 -13.22 -26.87
C LEU A 109 -12.49 -13.02 -27.88
N GLU A 110 -12.21 -12.34 -29.00
CA GLU A 110 -13.18 -12.16 -30.06
C GLU A 110 -13.38 -13.46 -30.82
N GLU A 111 -12.30 -14.24 -30.94
CA GLU A 111 -12.34 -15.56 -31.55
C GLU A 111 -12.85 -16.57 -30.53
N GLY A 112 -12.48 -16.38 -29.26
CA GLY A 112 -13.05 -17.15 -28.15
C GLY A 112 -14.52 -16.86 -27.98
N GLY A 113 -15.27 -17.87 -27.51
CA GLY A 113 -16.72 -17.80 -27.43
C GLY A 113 -17.18 -17.06 -26.17
N LYS A 114 -18.40 -17.42 -25.71
CA LYS A 114 -18.95 -16.89 -24.47
C LYS A 114 -17.99 -17.25 -23.35
N TYR A 115 -17.49 -16.23 -22.65
CA TYR A 115 -16.36 -16.41 -21.75
C TYR A 115 -16.68 -15.83 -20.36
N LEU A 116 -16.01 -16.38 -19.35
CA LEU A 116 -16.15 -15.95 -17.96
C LEU A 116 -14.76 -15.80 -17.34
N ILE A 117 -14.47 -14.60 -16.82
CA ILE A 117 -13.16 -14.27 -16.30
C ILE A 117 -13.26 -13.97 -14.80
N VAL A 118 -12.46 -14.69 -14.01
CA VAL A 118 -12.40 -14.45 -12.57
C VAL A 118 -11.20 -13.57 -12.27
N LEU A 119 -11.46 -12.43 -11.62
CA LEU A 119 -10.44 -11.52 -11.15
C LEU A 119 -10.49 -11.50 -9.62
N ASP A 120 -9.44 -12.04 -8.98
CA ASP A 120 -9.46 -12.31 -7.55
C ASP A 120 -8.67 -11.24 -6.79
N ASP A 121 -9.37 -10.53 -5.88
CA ASP A 121 -8.80 -9.52 -5.00
C ASP A 121 -8.53 -8.22 -5.78
N VAL A 122 -9.53 -7.75 -6.53
CA VAL A 122 -9.41 -6.50 -7.26
C VAL A 122 -9.25 -5.37 -6.26
N TRP A 123 -8.24 -4.52 -6.49
CA TRP A 123 -7.80 -3.55 -5.49
C TRP A 123 -8.27 -2.14 -5.83
N SER A 124 -8.53 -1.84 -7.11
CA SER A 124 -8.89 -0.49 -7.54
C SER A 124 -9.69 -0.48 -8.83
N THR A 125 -10.45 0.60 -9.03
CA THR A 125 -11.19 0.85 -10.27
C THR A 125 -10.21 1.18 -11.39
N ASP A 126 -9.12 1.88 -11.03
CA ASP A 126 -8.02 2.16 -11.93
C ASP A 126 -7.54 0.86 -12.57
N ALA A 127 -7.24 -0.14 -11.73
CA ALA A 127 -6.79 -1.44 -12.18
C ALA A 127 -7.84 -2.06 -13.11
N TRP A 128 -9.10 -2.02 -12.68
CA TRP A 128 -10.22 -2.54 -13.47
C TRP A 128 -10.28 -1.88 -14.85
N ASP A 129 -10.25 -0.54 -14.88
CA ASP A 129 -10.39 0.21 -16.12
C ASP A 129 -9.19 -0.05 -17.04
N ARG A 130 -8.02 -0.27 -16.45
CA ARG A 130 -6.82 -0.62 -17.21
C ARG A 130 -6.93 -2.03 -17.79
N ILE A 131 -7.44 -2.96 -16.98
CA ILE A 131 -7.56 -4.37 -17.35
C ILE A 131 -8.61 -4.53 -18.45
N LYS A 132 -9.66 -3.69 -18.40
CA LYS A 132 -10.82 -3.84 -19.26
C LYS A 132 -10.45 -3.66 -20.74
N ILE A 133 -9.29 -3.04 -21.01
CA ILE A 133 -8.84 -2.75 -22.37
C ILE A 133 -8.69 -4.05 -23.17
N ALA A 134 -8.45 -5.17 -22.48
CA ALA A 134 -8.20 -6.45 -23.12
C ALA A 134 -9.49 -7.15 -23.55
N PHE A 135 -10.64 -6.73 -23.01
CA PHE A 135 -11.89 -7.46 -23.20
C PHE A 135 -12.71 -6.80 -24.31
N PRO A 136 -13.04 -7.53 -25.40
CA PRO A 136 -13.91 -6.99 -26.45
C PRO A 136 -15.38 -6.97 -26.03
N LYS A 137 -16.10 -5.92 -26.43
CA LYS A 137 -17.55 -5.88 -26.27
C LYS A 137 -18.15 -6.50 -27.53
N ASN A 138 -17.84 -7.78 -27.72
CA ASN A 138 -18.25 -8.53 -28.91
C ASN A 138 -19.65 -9.09 -28.69
N ASP A 139 -20.27 -8.74 -27.55
CA ASP A 139 -21.71 -8.80 -27.39
C ASP A 139 -22.15 -10.25 -27.39
N LYS A 140 -21.29 -11.14 -26.86
CA LYS A 140 -21.51 -12.58 -26.92
C LYS A 140 -22.10 -13.09 -25.62
N GLY A 141 -22.52 -12.17 -24.74
CA GLY A 141 -23.06 -12.53 -23.43
C GLY A 141 -21.96 -12.84 -22.44
N ASN A 142 -20.85 -12.11 -22.56
CA ASN A 142 -19.64 -12.36 -21.76
C ASN A 142 -19.84 -11.79 -20.36
N ARG A 143 -19.19 -12.41 -19.36
CA ARG A 143 -19.31 -12.05 -17.96
C ARG A 143 -17.94 -12.03 -17.29
N VAL A 144 -17.79 -11.17 -16.25
CA VAL A 144 -16.55 -11.08 -15.49
C VAL A 144 -16.90 -11.10 -14.00
N LEU A 145 -16.38 -12.10 -13.27
CA LEU A 145 -16.62 -12.27 -11.85
C LEU A 145 -15.48 -11.63 -11.06
N LEU A 146 -15.83 -10.78 -10.09
CA LEU A 146 -14.88 -9.93 -9.40
C LEU A 146 -15.05 -10.07 -7.89
N THR A 147 -13.93 -10.32 -7.18
CA THR A 147 -13.90 -10.32 -5.73
C THR A 147 -13.08 -9.13 -5.25
N THR A 148 -13.59 -8.41 -4.24
CA THR A 148 -12.91 -7.23 -3.73
C THR A 148 -13.30 -6.99 -2.27
N ARG A 149 -12.47 -6.19 -1.59
CA ARG A 149 -12.65 -5.85 -0.19
C ARG A 149 -13.09 -4.39 -0.05
N ASP A 150 -13.20 -3.70 -1.19
CA ASP A 150 -13.57 -2.30 -1.21
C ASP A 150 -14.96 -2.18 -1.83
N HIS A 151 -15.90 -1.63 -1.04
CA HIS A 151 -17.29 -1.51 -1.46
C HIS A 151 -17.40 -0.50 -2.59
N ARG A 152 -16.48 0.48 -2.62
CA ARG A 152 -16.44 1.47 -3.68
C ARG A 152 -16.10 0.80 -5.02
N VAL A 153 -15.16 -0.15 -4.99
CA VAL A 153 -14.72 -0.84 -6.20
C VAL A 153 -15.93 -1.56 -6.80
N ALA A 154 -16.64 -2.30 -5.94
CA ALA A 154 -17.82 -3.06 -6.34
C ALA A 154 -18.86 -2.13 -6.98
N ARG A 155 -19.24 -1.08 -6.24
CA ARG A 155 -20.34 -0.20 -6.64
C ARG A 155 -20.00 0.55 -7.94
N TYR A 156 -18.70 0.69 -8.25
CA TYR A 156 -18.28 1.28 -9.52
C TYR A 156 -18.58 0.33 -10.68
N CYS A 157 -18.37 -0.97 -10.45
CA CYS A 157 -18.64 -1.98 -11.46
C CYS A 157 -20.15 -2.23 -11.58
N ASN A 158 -20.83 -2.35 -10.44
CA ASN A 158 -22.27 -2.61 -10.43
C ASN A 158 -22.90 -1.92 -9.21
N ARG A 159 -24.00 -1.19 -9.44
CA ARG A 159 -24.66 -0.43 -8.39
C ARG A 159 -25.25 -1.37 -7.34
N SER A 160 -25.55 -2.61 -7.72
CA SER A 160 -26.12 -3.59 -6.81
C SER A 160 -25.14 -4.76 -6.62
N PRO A 161 -24.02 -4.56 -5.89
CA PRO A 161 -23.04 -5.62 -5.67
C PRO A 161 -23.55 -6.67 -4.68
N HIS A 162 -22.93 -7.84 -4.68
CA HIS A 162 -23.32 -8.92 -3.79
C HIS A 162 -22.52 -8.85 -2.50
N ASP A 163 -23.23 -8.60 -1.39
CA ASP A 163 -22.63 -8.64 -0.07
C ASP A 163 -22.61 -10.08 0.43
N LEU A 164 -21.40 -10.62 0.61
CA LEU A 164 -21.21 -11.98 1.10
C LEU A 164 -21.63 -12.07 2.56
N LYS A 165 -22.45 -13.08 2.89
CA LYS A 165 -23.02 -13.22 4.22
C LYS A 165 -22.00 -13.79 5.20
N PHE A 166 -22.34 -13.70 6.48
CA PHE A 166 -21.62 -14.41 7.53
C PHE A 166 -22.23 -15.81 7.66
N LEU A 167 -21.67 -16.61 8.56
CA LEU A 167 -22.23 -17.92 8.87
C LEU A 167 -23.11 -17.82 10.12
N THR A 168 -24.13 -18.67 10.18
CA THR A 168 -24.95 -18.83 11.37
C THR A 168 -24.14 -19.56 12.43
N ASP A 169 -24.56 -19.42 13.69
CA ASP A 169 -23.96 -20.15 14.80
C ASP A 169 -23.73 -21.61 14.38
N GLU A 170 -24.78 -22.21 13.83
CA GLU A 170 -24.78 -23.63 13.49
C GLU A 170 -23.77 -23.90 12.39
N GLU A 171 -23.80 -23.08 11.33
CA GLU A 171 -22.87 -23.21 10.21
C GLU A 171 -21.43 -23.03 10.71
N SER A 172 -21.26 -22.10 11.65
CA SER A 172 -19.96 -21.83 12.27
C SER A 172 -19.43 -23.11 12.92
N TRP A 173 -20.29 -23.80 13.69
CA TRP A 173 -19.90 -25.00 14.41
C TRP A 173 -19.48 -26.11 13.44
N ILE A 174 -20.27 -26.28 12.37
CA ILE A 174 -20.08 -27.40 11.45
C ILE A 174 -18.76 -27.25 10.71
N LEU A 175 -18.42 -26.02 10.31
CA LEU A 175 -17.16 -25.76 9.67
C LEU A 175 -16.01 -26.04 10.65
N LEU A 176 -16.16 -25.59 11.90
CA LEU A 176 -15.12 -25.74 12.91
C LEU A 176 -14.88 -27.22 13.19
N GLU A 177 -15.97 -27.99 13.36
CA GLU A 177 -15.88 -29.41 13.62
C GLU A 177 -15.18 -30.11 12.47
N LYS A 178 -15.57 -29.78 11.23
CA LYS A 178 -15.07 -30.47 10.06
C LYS A 178 -13.58 -30.18 9.85
N ARG A 179 -13.13 -28.96 10.20
CA ARG A 179 -11.74 -28.57 10.03
C ARG A 179 -10.88 -29.03 11.20
N ALA A 180 -11.44 -28.96 12.42
CA ALA A 180 -10.70 -29.28 13.63
C ALA A 180 -10.51 -30.78 13.79
N PHE A 181 -11.42 -31.59 13.21
CA PHE A 181 -11.39 -33.03 13.40
C PHE A 181 -11.23 -33.78 12.06
N HIS A 182 -10.95 -33.04 10.97
CA HIS A 182 -10.63 -33.63 9.67
C HIS A 182 -11.59 -34.77 9.33
N LYS A 183 -12.88 -34.41 9.16
CA LYS A 183 -13.93 -35.30 8.69
C LYS A 183 -14.46 -36.19 9.82
N ALA A 184 -13.71 -36.29 10.93
CA ALA A 184 -14.19 -36.98 12.11
C ALA A 184 -15.12 -36.07 12.89
N LYS A 185 -15.90 -36.65 13.80
CA LYS A 185 -16.89 -35.92 14.57
C LYS A 185 -16.29 -35.47 15.91
N CYS A 186 -16.82 -34.38 16.46
CA CYS A 186 -16.31 -33.82 17.71
C CYS A 186 -16.77 -34.68 18.89
N LEU A 187 -15.89 -34.82 19.89
CA LEU A 187 -16.22 -35.55 21.11
C LEU A 187 -17.18 -34.71 21.95
N PRO A 188 -18.26 -35.32 22.49
CA PRO A 188 -19.30 -34.60 23.24
C PRO A 188 -18.85 -33.65 24.35
N GLU A 189 -17.72 -33.96 24.98
CA GLU A 189 -17.27 -33.23 26.17
C GLU A 189 -16.74 -31.86 25.75
N LEU A 190 -16.34 -31.73 24.48
CA LEU A 190 -15.80 -30.49 23.94
C LEU A 190 -16.88 -29.72 23.19
N GLU A 191 -18.08 -30.30 23.09
CA GLU A 191 -19.15 -29.78 22.23
C GLU A 191 -19.58 -28.40 22.72
N THR A 192 -19.74 -28.24 24.04
CA THR A 192 -20.27 -27.01 24.61
C THR A 192 -19.25 -25.89 24.46
N ASN A 193 -17.99 -26.17 24.81
CA ASN A 193 -16.91 -25.21 24.67
C ASN A 193 -16.69 -24.88 23.20
N GLY A 194 -16.72 -25.92 22.35
CA GLY A 194 -16.51 -25.77 20.92
C GLY A 194 -17.57 -24.89 20.26
N LYS A 195 -18.83 -25.10 20.65
CA LYS A 195 -19.93 -24.29 20.13
C LYS A 195 -19.82 -22.86 20.63
N SER A 196 -19.40 -22.68 21.88
CA SER A 196 -19.16 -21.36 22.44
C SER A 196 -18.07 -20.67 21.62
N ILE A 197 -17.00 -21.40 21.36
CA ILE A 197 -15.87 -20.93 20.57
C ILE A 197 -16.34 -20.51 19.17
N ALA A 198 -17.10 -21.39 18.50
CA ALA A 198 -17.58 -21.16 17.16
C ALA A 198 -18.40 -19.87 17.09
N ARG A 199 -19.24 -19.67 18.12
CA ARG A 199 -20.15 -18.54 18.21
C ARG A 199 -19.36 -17.22 18.24
N LYS A 200 -18.29 -17.19 19.03
CA LYS A 200 -17.51 -15.98 19.24
C LYS A 200 -16.76 -15.60 17.96
N CYS A 201 -16.74 -16.49 16.96
CA CYS A 201 -16.21 -16.18 15.64
C CYS A 201 -17.19 -15.28 14.88
N LYS A 202 -18.48 -15.35 15.24
CA LYS A 202 -19.51 -14.46 14.72
C LYS A 202 -19.83 -14.79 13.26
N GLY A 203 -19.33 -15.94 12.78
CA GLY A 203 -19.62 -16.40 11.43
C GLY A 203 -18.62 -15.88 10.39
N LEU A 204 -17.36 -15.73 10.80
CA LEU A 204 -16.28 -15.35 9.90
C LEU A 204 -15.48 -16.60 9.53
N PRO A 205 -15.58 -17.11 8.29
CA PRO A 205 -14.91 -18.34 7.88
C PRO A 205 -13.44 -18.44 8.30
N LEU A 206 -12.69 -17.36 8.07
CA LEU A 206 -11.25 -17.37 8.27
C LEU A 206 -10.93 -17.52 9.75
N ALA A 207 -11.64 -16.77 10.60
CA ALA A 207 -11.44 -16.86 12.04
C ALA A 207 -11.67 -18.30 12.51
N ILE A 208 -12.73 -18.91 11.98
CA ILE A 208 -13.12 -20.26 12.36
C ILE A 208 -12.04 -21.26 11.93
N VAL A 209 -11.51 -21.08 10.73
CA VAL A 209 -10.56 -22.02 10.17
C VAL A 209 -9.22 -21.89 10.89
N VAL A 210 -8.85 -20.66 11.30
CA VAL A 210 -7.59 -20.41 11.99
C VAL A 210 -7.59 -21.12 13.33
N ILE A 211 -8.71 -20.99 14.06
CA ILE A 211 -8.81 -21.48 15.42
C ILE A 211 -8.89 -23.01 15.40
N ALA A 212 -9.40 -23.57 14.30
CA ALA A 212 -9.38 -25.02 14.09
C ALA A 212 -7.93 -25.51 14.11
N GLY A 213 -7.04 -24.76 13.46
CA GLY A 213 -5.62 -25.06 13.41
C GLY A 213 -4.97 -25.04 14.80
N ALA A 214 -5.41 -24.11 15.65
CA ALA A 214 -4.93 -24.02 17.02
C ALA A 214 -5.39 -25.22 17.84
N LEU A 215 -6.65 -25.63 17.64
CA LEU A 215 -7.27 -26.67 18.44
C LEU A 215 -6.72 -28.04 18.06
N ILE A 216 -6.46 -28.24 16.75
CA ILE A 216 -5.78 -29.43 16.26
C ILE A 216 -4.50 -29.63 17.08
N GLY A 217 -3.72 -28.55 17.24
CA GLY A 217 -2.45 -28.59 17.92
C GLY A 217 -2.59 -28.73 19.45
N LYS A 218 -3.74 -28.28 19.98
CA LYS A 218 -4.02 -28.42 21.40
C LYS A 218 -4.60 -29.81 21.67
N SER A 219 -4.31 -30.33 22.86
CA SER A 219 -4.83 -31.62 23.28
C SER A 219 -6.35 -31.54 23.33
N LYS A 220 -7.00 -32.65 22.97
CA LYS A 220 -8.44 -32.72 22.97
C LYS A 220 -8.92 -32.98 24.39
N THR A 221 -8.65 -32.00 25.28
CA THR A 221 -9.05 -32.07 26.67
C THR A 221 -9.94 -30.88 26.99
N ILE A 222 -10.88 -31.09 27.92
CA ILE A 222 -11.91 -30.10 28.24
C ILE A 222 -11.23 -28.82 28.74
N LYS A 223 -10.19 -28.99 29.55
CA LYS A 223 -9.55 -27.86 30.21
C LYS A 223 -8.86 -26.96 29.19
N GLU A 224 -8.22 -27.56 28.17
CA GLU A 224 -7.48 -26.78 27.18
C GLU A 224 -8.43 -26.01 26.28
N TRP A 225 -9.59 -26.61 25.99
CA TRP A 225 -10.56 -26.00 25.10
C TRP A 225 -11.28 -24.84 25.78
N GLU A 226 -11.53 -24.96 27.09
CA GLU A 226 -12.21 -23.90 27.83
C GLU A 226 -11.24 -22.74 28.07
N GLN A 227 -9.97 -23.05 28.33
CA GLN A 227 -8.92 -22.03 28.36
C GLN A 227 -9.03 -21.14 27.12
N VAL A 228 -9.14 -21.80 25.97
CA VAL A 228 -9.27 -21.14 24.68
C VAL A 228 -10.56 -20.33 24.67
N ASP A 229 -11.69 -20.99 24.98
CA ASP A 229 -13.00 -20.39 24.92
C ASP A 229 -13.03 -19.14 25.80
N GLN A 230 -12.38 -19.21 26.97
CA GLN A 230 -12.33 -18.12 27.91
C GLN A 230 -11.45 -16.99 27.37
N SER A 231 -10.31 -17.34 26.76
CA SER A 231 -9.34 -16.36 26.29
C SER A 231 -9.87 -15.63 25.05
N VAL A 232 -10.64 -16.35 24.22
CA VAL A 232 -11.36 -15.71 23.12
C VAL A 232 -12.51 -14.90 23.71
N GLY A 233 -12.24 -13.63 24.02
CA GLY A 233 -13.29 -12.69 24.39
C GLY A 233 -14.29 -12.52 23.25
N GLU A 234 -15.51 -12.09 23.61
CA GLU A 234 -16.65 -12.07 22.70
C GLU A 234 -16.39 -11.18 21.49
N HIS A 235 -15.64 -10.08 21.69
CA HIS A 235 -15.50 -9.06 20.66
C HIS A 235 -14.04 -8.92 20.22
N PHE A 236 -13.36 -10.05 20.03
CA PHE A 236 -11.95 -10.08 19.65
C PHE A 236 -11.77 -9.65 18.19
N ILE A 237 -12.77 -9.93 17.35
CA ILE A 237 -12.77 -9.49 15.97
C ILE A 237 -13.37 -8.10 15.90
N ASN A 238 -12.51 -7.09 16.08
CA ASN A 238 -12.95 -5.71 16.21
C ASN A 238 -13.13 -5.12 14.82
N ARG A 239 -14.21 -4.34 14.65
CA ARG A 239 -14.56 -3.82 13.33
C ARG A 239 -13.53 -2.79 12.85
N ASP A 240 -12.77 -2.19 13.80
CA ASP A 240 -11.72 -1.22 13.51
C ASP A 240 -10.52 -1.90 12.84
N GLN A 241 -10.00 -2.94 13.49
CA GLN A 241 -9.05 -3.85 12.88
C GLN A 241 -9.56 -5.27 13.04
N PRO A 242 -10.33 -5.81 12.06
CA PRO A 242 -10.41 -7.26 11.85
C PRO A 242 -9.03 -7.79 11.44
N ASN A 243 -8.22 -6.90 10.83
CA ASN A 243 -6.80 -7.11 10.58
C ASN A 243 -6.03 -7.33 11.89
N SER A 244 -6.67 -6.97 13.02
CA SER A 244 -6.17 -7.31 14.34
C SER A 244 -6.95 -8.52 14.90
N CYS A 245 -7.02 -9.59 14.10
CA CYS A 245 -7.30 -10.93 14.59
C CYS A 245 -6.00 -11.59 14.99
N ASP A 246 -4.97 -10.76 15.23
CA ASP A 246 -3.62 -11.20 15.53
C ASP A 246 -3.64 -12.09 16.76
N LYS A 247 -4.56 -11.81 17.70
CA LYS A 247 -4.66 -12.54 18.95
C LYS A 247 -5.20 -13.94 18.68
N LEU A 248 -6.09 -14.06 17.69
CA LEU A 248 -6.62 -15.36 17.28
C LEU A 248 -5.52 -16.17 16.61
N VAL A 249 -4.72 -15.49 15.79
CA VAL A 249 -3.58 -16.08 15.11
C VAL A 249 -2.53 -16.48 16.15
N ARG A 250 -2.24 -15.58 17.09
CA ARG A 250 -1.21 -15.77 18.10
C ARG A 250 -1.49 -17.05 18.89
N MET A 251 -2.77 -17.30 19.15
CA MET A 251 -3.20 -18.47 19.90
C MET A 251 -2.84 -19.75 19.15
N SER A 252 -3.02 -19.75 17.82
CA SER A 252 -2.62 -20.86 16.97
C SER A 252 -1.10 -20.93 16.88
N TYR A 253 -0.48 -19.75 16.80
CA TYR A 253 0.96 -19.59 16.60
C TYR A 253 1.74 -20.15 17.78
N ASP A 254 1.31 -19.79 19.00
CA ASP A 254 2.02 -20.15 20.21
C ASP A 254 2.03 -21.67 20.41
N VAL A 255 1.13 -22.38 19.73
CA VAL A 255 1.03 -23.83 19.84
C VAL A 255 2.06 -24.50 18.94
N LEU A 256 2.56 -23.78 17.93
CA LEU A 256 3.51 -24.33 16.97
C LEU A 256 4.87 -24.52 17.63
N PRO A 257 5.54 -25.69 17.42
CA PRO A 257 6.97 -25.83 17.69
C PRO A 257 7.81 -24.68 17.13
N TYR A 258 8.97 -24.46 17.74
CA TYR A 258 9.83 -23.32 17.41
C TYR A 258 10.30 -23.43 15.96
N ASP A 259 10.53 -24.66 15.49
CA ASP A 259 10.97 -24.94 14.13
C ASP A 259 9.96 -24.41 13.11
N TRP A 260 8.66 -24.58 13.40
CA TRP A 260 7.60 -24.20 12.47
C TRP A 260 7.31 -22.71 12.56
N LYS A 261 7.52 -22.11 13.75
CA LYS A 261 7.34 -20.68 13.94
C LYS A 261 8.19 -19.92 12.92
N ALA A 262 9.49 -20.27 12.87
CA ALA A 262 10.43 -19.64 11.96
C ALA A 262 9.97 -19.78 10.50
N CYS A 263 9.64 -21.01 10.10
CA CYS A 263 9.18 -21.31 8.75
C CYS A 263 7.95 -20.47 8.41
N PHE A 264 7.04 -20.33 9.37
CA PHE A 264 5.79 -19.61 9.16
C PHE A 264 6.06 -18.12 9.03
N LEU A 265 6.91 -17.57 9.90
CA LEU A 265 7.22 -16.14 9.84
C LEU A 265 8.03 -15.83 8.59
N TYR A 266 8.71 -16.84 8.04
CA TYR A 266 9.48 -16.68 6.82
C TYR A 266 8.61 -16.15 5.68
N PHE A 267 7.29 -16.42 5.76
CA PHE A 267 6.34 -15.92 4.77
C PHE A 267 6.32 -14.39 4.77
N GLY A 268 6.70 -13.76 5.89
CA GLY A 268 6.85 -12.31 5.96
C GLY A 268 7.93 -11.76 5.03
N THR A 269 8.88 -12.61 4.60
CA THR A 269 10.01 -12.19 3.80
C THR A 269 9.65 -12.06 2.32
N PHE A 270 8.47 -12.54 1.94
CA PHE A 270 7.97 -12.42 0.57
C PHE A 270 7.00 -11.25 0.50
N PRO A 271 6.58 -10.83 -0.72
CA PRO A 271 5.56 -9.79 -0.87
C PRO A 271 4.19 -10.32 -0.45
N ARG A 272 3.30 -9.40 -0.07
CA ARG A 272 1.96 -9.72 0.35
C ARG A 272 1.19 -10.41 -0.77
N GLY A 273 0.55 -11.53 -0.43
CA GLY A 273 -0.34 -12.24 -1.35
C GLY A 273 0.39 -12.95 -2.48
N TYR A 274 1.70 -13.23 -2.28
CA TYR A 274 2.53 -13.73 -3.35
C TYR A 274 2.32 -15.23 -3.53
N LEU A 275 2.22 -15.66 -4.80
CA LEU A 275 1.99 -17.06 -5.14
C LEU A 275 3.33 -17.80 -5.10
N ILE A 276 3.50 -18.67 -4.11
CA ILE A 276 4.79 -19.29 -3.85
C ILE A 276 4.77 -20.73 -4.35
N PRO A 277 5.65 -21.14 -5.30
CA PRO A 277 5.88 -22.55 -5.61
C PRO A 277 6.51 -23.32 -4.46
N ALA A 278 5.85 -24.40 -4.03
CA ALA A 278 6.15 -25.08 -2.78
C ALA A 278 7.55 -25.68 -2.80
N ARG A 279 7.95 -26.26 -3.94
CA ARG A 279 9.23 -26.93 -4.07
C ARG A 279 10.36 -25.91 -3.96
N LYS A 280 10.08 -24.67 -4.39
CA LYS A 280 11.02 -23.57 -4.28
C LYS A 280 11.19 -23.20 -2.80
N LEU A 281 10.07 -23.16 -2.08
CA LEU A 281 10.05 -22.80 -0.67
C LEU A 281 10.80 -23.83 0.15
N ILE A 282 10.58 -25.12 -0.15
CA ILE A 282 11.28 -26.21 0.50
C ILE A 282 12.78 -25.93 0.51
N ARG A 283 13.34 -25.65 -0.67
CA ARG A 283 14.78 -25.51 -0.85
C ARG A 283 15.29 -24.30 -0.07
N LEU A 284 14.46 -23.25 0.03
CA LEU A 284 14.85 -22.02 0.70
C LEU A 284 14.81 -22.20 2.21
N TRP A 285 13.78 -22.88 2.72
CA TRP A 285 13.68 -23.20 4.13
C TRP A 285 14.90 -23.99 4.60
N ILE A 286 15.37 -24.90 3.73
CA ILE A 286 16.56 -25.69 3.98
C ILE A 286 17.76 -24.75 4.08
N ALA A 287 17.81 -23.76 3.19
CA ALA A 287 18.91 -22.81 3.11
C ALA A 287 19.00 -21.98 4.39
N GLU A 288 17.84 -21.54 4.90
CA GLU A 288 17.80 -20.64 6.05
C GLU A 288 18.08 -21.41 7.34
N GLY A 289 17.99 -22.74 7.28
CA GLY A 289 18.42 -23.60 8.37
C GLY A 289 17.31 -23.80 9.41
N PHE A 290 16.05 -23.66 8.98
CA PHE A 290 14.92 -23.92 9.84
C PHE A 290 14.71 -25.44 9.96
N ILE A 291 15.01 -26.16 8.86
CA ILE A 291 14.83 -27.60 8.82
C ILE A 291 16.08 -28.25 9.42
N GLN A 292 15.97 -28.60 10.70
CA GLN A 292 17.05 -29.26 11.42
C GLN A 292 17.05 -30.74 11.06
N TYR A 293 18.14 -31.20 10.41
CA TYR A 293 18.35 -32.62 10.15
C TYR A 293 18.52 -33.34 11.48
N ARG A 294 17.39 -33.75 12.08
CA ARG A 294 17.43 -34.49 13.34
C ARG A 294 16.83 -35.87 13.09
N GLY A 295 17.66 -36.89 13.30
CA GLY A 295 17.26 -38.28 13.14
C GLY A 295 17.37 -38.75 11.69
N ASP A 296 16.43 -39.59 11.29
CA ASP A 296 16.44 -40.29 10.01
C ASP A 296 16.08 -39.30 8.90
N LEU A 297 15.24 -38.32 9.26
CA LEU A 297 14.58 -37.48 8.27
C LEU A 297 15.63 -36.72 7.47
N SER A 298 15.57 -36.91 6.14
CA SER A 298 16.28 -36.06 5.20
C SER A 298 15.63 -34.67 5.24
N PRO A 299 16.36 -33.59 4.90
CA PRO A 299 15.84 -32.23 5.06
C PRO A 299 14.65 -31.93 4.14
N GLU A 300 14.59 -32.59 2.99
CA GLU A 300 13.53 -32.36 2.01
C GLU A 300 12.22 -32.95 2.52
N CYS A 301 12.29 -34.17 3.07
CA CYS A 301 11.13 -34.82 3.65
C CYS A 301 10.65 -34.05 4.87
N LYS A 302 11.60 -33.60 5.70
CA LYS A 302 11.30 -32.86 6.91
C LYS A 302 10.66 -31.51 6.56
N ALA A 303 11.11 -30.90 5.46
CA ALA A 303 10.59 -29.62 5.00
C ALA A 303 9.15 -29.78 4.50
N GLU A 304 8.88 -30.88 3.78
CA GLU A 304 7.56 -31.13 3.23
C GLU A 304 6.59 -31.49 4.35
N GLU A 305 7.08 -32.18 5.39
CA GLU A 305 6.29 -32.52 6.56
C GLU A 305 5.85 -31.26 7.28
N TYR A 306 6.81 -30.33 7.49
CA TYR A 306 6.52 -29.04 8.10
C TYR A 306 5.46 -28.30 7.27
N LEU A 307 5.61 -28.36 5.94
CA LEU A 307 4.69 -27.71 5.02
C LEU A 307 3.30 -28.32 5.14
N ASN A 308 3.24 -29.67 5.07
CA ASN A 308 1.99 -30.39 5.18
C ASN A 308 1.34 -30.08 6.54
N GLU A 309 2.16 -29.94 7.58
CA GLU A 309 1.66 -29.68 8.92
C GLU A 309 1.14 -28.26 9.04
N LEU A 310 1.83 -27.29 8.42
CA LEU A 310 1.36 -25.91 8.45
C LEU A 310 0.06 -25.79 7.65
N VAL A 311 -0.13 -26.69 6.67
CA VAL A 311 -1.38 -26.78 5.94
C VAL A 311 -2.45 -27.46 6.80
N ASN A 312 -2.05 -28.45 7.62
CA ASN A 312 -2.95 -29.09 8.57
C ASN A 312 -3.46 -28.07 9.59
N ARG A 313 -2.58 -27.15 10.01
CA ARG A 313 -2.94 -26.08 10.93
C ARG A 313 -3.67 -24.97 10.19
N ASN A 314 -3.80 -25.12 8.86
CA ASN A 314 -4.65 -24.28 8.02
C ASN A 314 -3.98 -22.93 7.77
N LEU A 315 -2.89 -22.63 8.50
CA LEU A 315 -2.28 -21.30 8.52
C LEU A 315 -1.70 -20.95 7.15
N VAL A 316 -1.38 -22.00 6.37
CA VAL A 316 -1.02 -21.85 4.98
C VAL A 316 -2.14 -22.45 4.14
N MET A 317 -2.47 -21.75 3.06
CA MET A 317 -3.56 -22.13 2.18
C MET A 317 -2.98 -22.82 0.94
N VAL A 318 -3.56 -23.95 0.55
CA VAL A 318 -3.14 -24.68 -0.65
C VAL A 318 -3.79 -24.03 -1.86
N MET A 319 -2.96 -23.58 -2.82
CA MET A 319 -3.45 -22.87 -3.99
C MET A 319 -3.59 -23.83 -5.17
N GLN A 320 -2.60 -24.73 -5.34
CA GLN A 320 -2.65 -25.76 -6.36
C GLN A 320 -2.01 -27.05 -5.83
N ARG A 321 -2.49 -28.18 -6.35
CA ARG A 321 -1.87 -29.48 -6.09
C ARG A 321 -1.31 -30.03 -7.40
N THR A 322 -0.23 -30.81 -7.27
CA THR A 322 0.35 -31.51 -8.40
C THR A 322 -0.50 -32.74 -8.73
N VAL A 323 -0.12 -33.43 -9.81
CA VAL A 323 -0.68 -34.73 -10.14
C VAL A 323 -0.30 -35.74 -9.05
N ASP A 324 0.77 -35.45 -8.28
CA ASP A 324 1.19 -36.28 -7.17
C ASP A 324 0.23 -36.15 -5.99
N GLY A 325 -0.60 -35.11 -5.99
CA GLY A 325 -1.44 -34.79 -4.85
C GLY A 325 -0.65 -34.01 -3.80
N GLN A 326 0.61 -33.67 -4.12
CA GLN A 326 1.43 -32.82 -3.28
C GLN A 326 1.09 -31.35 -3.57
N ILE A 327 1.59 -30.45 -2.71
CA ILE A 327 1.31 -29.03 -2.81
C ILE A 327 2.17 -28.42 -3.93
N LYS A 328 1.52 -27.84 -4.94
CA LYS A 328 2.21 -27.26 -6.08
C LYS A 328 2.58 -25.80 -5.77
N THR A 329 1.58 -25.02 -5.38
CA THR A 329 1.77 -23.63 -5.02
C THR A 329 0.94 -23.31 -3.78
N CYS A 330 1.40 -22.34 -2.99
CA CYS A 330 0.77 -22.03 -1.72
C CYS A 330 0.69 -20.51 -1.51
N ARG A 331 -0.14 -20.13 -0.53
CA ARG A 331 -0.38 -18.74 -0.18
C ARG A 331 -0.82 -18.66 1.27
N VAL A 332 -0.40 -17.59 1.93
CA VAL A 332 -0.87 -17.24 3.26
C VAL A 332 -1.80 -16.05 3.09
N HIS A 333 -2.95 -16.06 3.78
CA HIS A 333 -3.95 -15.03 3.59
C HIS A 333 -3.39 -13.67 4.00
N ASP A 334 -3.91 -12.62 3.37
CA ASP A 334 -3.37 -11.28 3.55
C ASP A 334 -3.49 -10.82 5.00
N MET A 335 -4.48 -11.35 5.72
CA MET A 335 -4.64 -11.03 7.14
C MET A 335 -3.60 -11.78 7.97
N LEU A 336 -3.22 -12.98 7.51
CA LEU A 336 -2.17 -13.76 8.14
C LEU A 336 -0.81 -13.10 7.87
N TYR A 337 -0.67 -12.44 6.72
CA TYR A 337 0.55 -11.73 6.38
C TYR A 337 0.79 -10.58 7.34
N GLU A 338 -0.28 -9.88 7.74
CA GLU A 338 -0.22 -8.82 8.74
C GLU A 338 0.50 -9.33 9.98
N PHE A 339 0.07 -10.49 10.48
CA PHE A 339 0.65 -11.11 11.65
C PHE A 339 2.11 -11.48 11.39
N CYS A 340 2.37 -12.18 10.28
CA CYS A 340 3.72 -12.60 9.94
C CYS A 340 4.66 -11.40 9.83
N TRP A 341 4.15 -10.29 9.27
CA TRP A 341 4.95 -9.08 9.10
C TRP A 341 5.19 -8.41 10.45
N GLN A 342 4.14 -8.27 11.27
CA GLN A 342 4.23 -7.57 12.54
C GLN A 342 5.11 -8.32 13.54
N GLU A 343 4.87 -9.64 13.66
CA GLU A 343 5.53 -10.50 14.63
C GLU A 343 6.99 -10.74 14.24
N ALA A 344 7.26 -10.82 12.93
CA ALA A 344 8.59 -11.11 12.42
C ALA A 344 9.50 -9.87 12.49
N THR A 345 8.93 -8.69 12.74
CA THR A 345 9.71 -7.48 12.99
C THR A 345 10.03 -7.36 14.49
N THR A 346 9.30 -8.11 15.33
CA THR A 346 9.49 -8.15 16.77
C THR A 346 10.49 -9.26 17.15
N GLU A 347 10.47 -10.39 16.42
CA GLU A 347 11.34 -11.53 16.67
C GLU A 347 12.65 -11.41 15.88
N GLU B 19 -55.77 -4.25 22.98
CA GLU B 19 -54.45 -4.93 22.89
C GLU B 19 -54.51 -6.31 23.52
N SER B 20 -55.51 -6.55 24.38
CA SER B 20 -55.57 -7.78 25.16
C SER B 20 -56.44 -8.83 24.46
N THR B 21 -57.14 -8.45 23.37
CA THR B 21 -58.00 -9.38 22.66
C THR B 21 -57.21 -10.02 21.54
N PRO B 22 -57.12 -11.38 21.46
CA PRO B 22 -56.35 -12.04 20.40
C PRO B 22 -56.96 -11.92 19.00
N VAL B 23 -56.11 -11.62 18.01
CA VAL B 23 -56.49 -11.50 16.60
C VAL B 23 -56.01 -12.76 15.87
N LEU B 24 -56.86 -13.80 15.85
CA LEU B 24 -56.47 -15.13 15.40
C LEU B 24 -56.50 -15.22 13.87
N THR B 25 -55.45 -15.85 13.29
CA THR B 25 -55.46 -16.30 11.90
C THR B 25 -55.60 -17.82 11.86
N LEU B 26 -56.81 -18.30 12.19
CA LEU B 26 -57.13 -19.70 12.40
C LEU B 26 -56.86 -20.55 11.15
N GLN B 27 -57.14 -19.98 9.97
CA GLN B 27 -57.03 -20.71 8.71
C GLN B 27 -55.64 -20.53 8.09
N ASN B 28 -54.69 -20.03 8.89
CA ASN B 28 -53.32 -19.85 8.43
C ASN B 28 -52.63 -21.21 8.46
N ARG B 29 -51.79 -21.48 7.45
CA ARG B 29 -51.08 -22.75 7.34
C ARG B 29 -49.71 -22.48 6.71
N TRP B 30 -48.77 -23.42 6.93
CA TRP B 30 -47.48 -23.38 6.26
C TRP B 30 -47.69 -23.55 4.76
N ALA B 31 -46.98 -22.74 3.98
CA ALA B 31 -47.19 -22.69 2.54
C ALA B 31 -46.05 -21.93 1.88
N TYR B 32 -45.49 -22.51 0.82
CA TYR B 32 -44.64 -21.80 -0.11
C TYR B 32 -45.52 -21.05 -1.10
N SER B 33 -45.20 -19.78 -1.37
CA SER B 33 -45.96 -18.97 -2.30
C SER B 33 -45.61 -19.38 -3.73
N ALA B 34 -46.46 -18.94 -4.67
CA ALA B 34 -46.28 -19.20 -6.09
C ALA B 34 -44.89 -18.75 -6.53
N ARG B 35 -44.45 -17.59 -6.04
CA ARG B 35 -43.14 -17.05 -6.37
C ARG B 35 -42.04 -17.86 -5.69
N ASP B 36 -42.27 -18.30 -4.44
CA ASP B 36 -41.31 -19.11 -3.71
C ASP B 36 -41.10 -20.44 -4.43
N GLU B 37 -42.20 -21.03 -4.91
CA GLU B 37 -42.15 -22.29 -5.64
C GLU B 37 -41.49 -22.08 -7.01
N LYS B 38 -41.74 -20.92 -7.63
CA LYS B 38 -41.15 -20.58 -8.92
C LYS B 38 -39.63 -20.66 -8.83
N LEU B 39 -39.04 -19.99 -7.83
CA LEU B 39 -37.60 -19.92 -7.65
C LEU B 39 -37.05 -21.21 -7.03
N ALA B 40 -37.91 -21.93 -6.27
CA ALA B 40 -37.54 -23.19 -5.65
C ALA B 40 -37.41 -24.30 -6.69
N TRP B 41 -38.22 -24.22 -7.76
CA TRP B 41 -38.15 -25.17 -8.85
C TRP B 41 -37.29 -24.62 -10.00
N ASP B 42 -36.91 -23.33 -9.93
CA ASP B 42 -35.87 -22.77 -10.80
C ASP B 42 -34.52 -23.42 -10.47
N SER B 43 -34.31 -23.79 -9.20
CA SER B 43 -33.20 -24.64 -8.80
C SER B 43 -33.61 -26.11 -8.90
N ALA B 44 -32.88 -26.87 -9.73
CA ALA B 44 -33.27 -28.23 -10.09
C ALA B 44 -33.07 -29.22 -8.95
N ALA B 45 -32.56 -28.74 -7.81
CA ALA B 45 -32.37 -29.55 -6.60
C ALA B 45 -33.69 -29.82 -5.89
N ARG B 46 -34.04 -31.11 -5.81
CA ARG B 46 -35.19 -31.58 -5.03
C ARG B 46 -34.78 -31.82 -3.58
N ASP B 47 -33.51 -32.22 -3.36
CA ASP B 47 -33.00 -32.67 -2.07
C ASP B 47 -33.00 -31.57 -1.00
N GLU B 48 -33.53 -30.38 -1.30
CA GLU B 48 -33.37 -29.24 -0.41
C GLU B 48 -34.73 -28.81 0.13
N LYS B 49 -35.73 -29.70 0.07
CA LYS B 49 -37.08 -29.32 0.37
C LYS B 49 -37.52 -29.96 1.70
N LEU B 50 -38.52 -29.32 2.31
CA LEU B 50 -39.21 -29.84 3.48
C LEU B 50 -40.51 -30.49 3.02
N GLU B 51 -40.99 -31.51 3.76
CA GLU B 51 -42.24 -32.16 3.41
C GLU B 51 -43.36 -31.59 4.29
N LEU B 52 -44.51 -31.30 3.67
CA LEU B 52 -45.67 -30.72 4.33
C LEU B 52 -46.76 -31.78 4.46
N THR B 53 -47.32 -31.92 5.68
CA THR B 53 -48.41 -32.86 5.93
C THR B 53 -49.74 -32.20 5.57
N GLU B 54 -50.12 -32.28 4.29
CA GLU B 54 -51.36 -31.69 3.78
C GLU B 54 -52.49 -32.70 3.92
N PRO B 55 -53.77 -32.29 3.99
CA PRO B 55 -54.19 -30.89 3.79
C PRO B 55 -54.12 -30.00 5.03
N ALA B 56 -53.67 -30.54 6.17
CA ALA B 56 -53.50 -29.77 7.39
C ALA B 56 -52.45 -28.68 7.16
N GLY B 57 -51.28 -29.08 6.69
CA GLY B 57 -50.18 -28.16 6.40
C GLY B 57 -49.70 -27.44 7.66
N LEU B 58 -49.90 -28.07 8.83
CA LEU B 58 -49.44 -27.54 10.10
C LEU B 58 -48.21 -28.30 10.57
N ILE B 59 -48.01 -29.52 10.06
CA ILE B 59 -46.84 -30.32 10.34
C ILE B 59 -45.83 -30.14 9.20
N VAL B 60 -44.56 -29.88 9.56
CA VAL B 60 -43.48 -29.79 8.60
C VAL B 60 -42.34 -30.70 9.06
N GLN B 61 -41.70 -31.36 8.09
CA GLN B 61 -40.62 -32.31 8.36
C GLN B 61 -39.45 -31.99 7.44
N PHE B 62 -38.24 -31.97 8.02
CA PHE B 62 -37.01 -31.83 7.25
C PHE B 62 -36.57 -33.20 6.74
N ILE B 63 -36.66 -33.40 5.42
CA ILE B 63 -36.45 -34.70 4.80
C ILE B 63 -35.15 -34.72 3.98
N GLY B 64 -34.37 -33.64 4.03
CA GLY B 64 -33.08 -33.57 3.36
C GLY B 64 -32.04 -34.49 4.00
N GLU B 65 -31.07 -34.94 3.18
CA GLU B 65 -30.01 -35.83 3.63
C GLU B 65 -28.98 -35.04 4.43
N ASN B 66 -28.52 -33.91 3.87
CA ASN B 66 -27.52 -33.07 4.49
C ASN B 66 -28.21 -31.89 5.18
N SER B 67 -27.70 -31.53 6.36
CA SER B 67 -28.35 -30.56 7.23
C SER B 67 -27.94 -29.14 6.83
N LYS B 68 -28.94 -28.31 6.50
CA LYS B 68 -28.72 -26.90 6.24
C LYS B 68 -29.98 -26.11 6.59
N HIS B 69 -29.80 -24.80 6.82
CA HIS B 69 -30.90 -23.91 7.17
C HIS B 69 -31.94 -23.88 6.05
N ARG B 70 -33.18 -24.28 6.39
CA ARG B 70 -34.29 -24.27 5.46
C ARG B 70 -35.52 -23.70 6.16
N SER B 71 -36.15 -22.71 5.52
CA SER B 71 -37.25 -21.97 6.13
C SER B 71 -38.54 -22.25 5.38
N VAL B 72 -39.67 -22.14 6.11
CA VAL B 72 -41.00 -22.19 5.52
C VAL B 72 -41.84 -21.11 6.21
N ARG B 73 -42.76 -20.50 5.44
CA ARG B 73 -43.59 -19.40 5.92
C ARG B 73 -45.06 -19.79 5.87
N ALA B 74 -45.89 -19.01 6.58
CA ALA B 74 -47.33 -19.22 6.60
C ALA B 74 -47.97 -18.50 5.42
N LYS B 75 -49.19 -18.92 5.09
CA LYS B 75 -49.91 -18.41 3.94
C LYS B 75 -50.34 -16.97 4.16
N LEU B 76 -50.88 -16.66 5.35
CA LEU B 76 -51.39 -15.33 5.67
C LEU B 76 -50.38 -14.56 6.52
N PRO B 77 -50.26 -13.23 6.32
CA PRO B 77 -49.41 -12.39 7.17
C PRO B 77 -50.10 -12.01 8.49
N ILE B 78 -49.38 -11.28 9.33
CA ILE B 78 -49.91 -10.79 10.59
C ILE B 78 -50.94 -9.70 10.31
N PRO B 79 -51.98 -9.54 11.16
CA PRO B 79 -52.85 -8.36 11.11
C PRO B 79 -52.08 -7.06 11.34
N LYS B 80 -52.48 -6.01 10.63
CA LYS B 80 -51.76 -4.74 10.61
C LYS B 80 -52.49 -3.70 11.48
N GLY B 81 -53.37 -4.15 12.38
CA GLY B 81 -54.12 -3.25 13.23
C GLY B 81 -53.28 -2.71 14.39
N ASN B 82 -53.85 -1.75 15.13
CA ASN B 82 -53.30 -1.26 16.39
C ASN B 82 -54.09 -1.84 17.56
N SER B 83 -54.66 -3.04 17.36
CA SER B 83 -55.59 -3.61 18.32
C SER B 83 -55.44 -5.12 18.37
N GLY B 84 -55.37 -5.63 19.61
CA GLY B 84 -55.29 -7.06 19.86
C GLY B 84 -53.88 -7.62 19.70
N ILE B 85 -53.79 -8.96 19.67
CA ILE B 85 -52.52 -9.69 19.70
C ILE B 85 -52.50 -10.67 18.52
N PHE B 86 -51.41 -10.69 17.74
CA PHE B 86 -51.13 -11.83 16.87
C PHE B 86 -50.25 -12.82 17.62
N TYR B 87 -50.57 -14.12 17.51
CA TYR B 87 -49.92 -15.15 18.30
C TYR B 87 -50.10 -16.52 17.63
N TYR B 88 -49.03 -17.31 17.60
CA TYR B 88 -49.08 -18.70 17.18
C TYR B 88 -48.12 -19.52 18.05
N GLU B 89 -48.34 -20.84 18.11
CA GLU B 89 -47.48 -21.73 18.90
C GLU B 89 -46.97 -22.85 18.00
N VAL B 90 -45.79 -23.39 18.36
CA VAL B 90 -45.16 -24.46 17.61
C VAL B 90 -44.72 -25.56 18.58
N THR B 91 -45.19 -26.78 18.35
CA THR B 91 -44.75 -27.94 19.11
C THR B 91 -43.62 -28.63 18.34
N ILE B 92 -42.57 -29.00 19.08
CA ILE B 92 -41.35 -29.50 18.47
C ILE B 92 -41.27 -31.01 18.69
N SER B 93 -41.03 -31.72 17.59
CA SER B 93 -40.80 -33.16 17.56
C SER B 93 -39.45 -33.42 16.91
N GLY B 94 -38.96 -34.66 17.00
CA GLY B 94 -37.70 -35.01 16.36
C GLY B 94 -36.51 -34.69 17.24
N ASP B 95 -35.42 -34.23 16.62
CA ASP B 95 -34.20 -33.91 17.33
C ASP B 95 -34.41 -32.60 18.10
N GLY B 96 -35.08 -31.64 17.44
CA GLY B 96 -35.52 -30.42 18.08
C GLY B 96 -34.41 -29.38 18.19
N ASP B 97 -33.31 -29.59 17.45
CA ASP B 97 -32.10 -28.82 17.63
C ASP B 97 -31.83 -28.04 16.34
N ALA B 98 -31.21 -26.86 16.47
CA ALA B 98 -30.91 -25.98 15.35
C ALA B 98 -32.20 -25.54 14.66
N ILE B 99 -33.11 -24.97 15.45
CA ILE B 99 -34.41 -24.50 14.97
C ILE B 99 -34.55 -23.02 15.32
N TYR B 100 -35.21 -22.25 14.44
CA TYR B 100 -35.44 -20.84 14.65
C TYR B 100 -36.87 -20.48 14.29
N ILE B 101 -37.60 -19.85 15.24
CA ILE B 101 -39.01 -19.53 15.09
C ILE B 101 -39.17 -18.01 15.19
N GLY B 102 -40.03 -17.43 14.34
CA GLY B 102 -40.27 -16.00 14.38
C GLY B 102 -41.13 -15.48 13.23
N LEU B 103 -40.85 -14.23 12.81
CA LEU B 103 -41.62 -13.49 11.82
C LEU B 103 -40.70 -13.02 10.71
N ALA B 104 -41.02 -13.40 9.46
CA ALA B 104 -40.16 -13.12 8.31
C ALA B 104 -40.92 -12.34 7.24
N THR B 105 -40.17 -11.54 6.46
CA THR B 105 -40.72 -10.89 5.28
C THR B 105 -40.91 -11.93 4.19
N GLU B 106 -41.70 -11.60 3.15
CA GLU B 106 -41.97 -12.53 2.06
C GLU B 106 -40.73 -12.67 1.18
N GLN B 107 -39.82 -11.69 1.24
CA GLN B 107 -38.61 -11.69 0.43
C GLN B 107 -37.55 -12.60 1.04
N MET B 108 -37.74 -13.05 2.30
CA MET B 108 -36.73 -13.81 3.02
C MET B 108 -36.40 -15.08 2.25
N PRO B 109 -35.09 -15.35 1.98
CA PRO B 109 -34.67 -16.62 1.40
C PRO B 109 -35.00 -17.81 2.30
N LEU B 110 -35.38 -18.92 1.67
CA LEU B 110 -35.81 -20.10 2.39
C LEU B 110 -34.65 -21.08 2.55
N ARG B 111 -33.43 -20.66 2.14
CA ARG B 111 -32.24 -21.50 2.19
C ARG B 111 -31.07 -20.71 2.80
N ASP B 112 -30.21 -21.43 3.54
CA ASP B 112 -28.95 -20.91 4.05
C ASP B 112 -29.15 -19.65 4.90
N THR B 113 -30.31 -19.54 5.55
CA THR B 113 -30.57 -18.46 6.48
C THR B 113 -31.72 -18.88 7.41
N HIS B 114 -31.77 -18.26 8.59
CA HIS B 114 -32.84 -18.53 9.53
C HIS B 114 -33.53 -17.22 9.87
N VAL B 115 -34.78 -17.33 10.35
CA VAL B 115 -35.57 -16.17 10.73
C VAL B 115 -34.89 -15.49 11.91
N GLY B 116 -34.90 -14.15 11.91
CA GLY B 116 -34.18 -13.36 12.90
C GLY B 116 -32.78 -12.99 12.41
N TYR B 117 -32.06 -13.98 11.86
CA TYR B 117 -30.78 -13.77 11.21
C TYR B 117 -30.99 -12.88 9.98
N ASN B 118 -32.02 -13.21 9.19
CA ASN B 118 -32.35 -12.47 7.98
C ASN B 118 -32.82 -11.07 8.36
N GLU B 119 -32.46 -10.08 7.53
CA GLU B 119 -32.67 -8.67 7.87
C GLU B 119 -34.14 -8.33 7.77
N GLY B 120 -34.62 -7.50 8.71
CA GLY B 120 -36.01 -7.10 8.76
C GLY B 120 -36.90 -8.18 9.40
N THR B 121 -36.28 -9.27 9.86
CA THR B 121 -36.99 -10.37 10.48
C THR B 121 -36.57 -10.47 11.95
N TYR B 122 -37.41 -11.12 12.76
CA TYR B 122 -37.15 -11.32 14.18
C TYR B 122 -37.39 -12.79 14.50
N GLY B 123 -36.55 -13.37 15.37
CA GLY B 123 -36.57 -14.81 15.57
C GLY B 123 -36.07 -15.24 16.95
N TYR B 124 -36.53 -16.43 17.35
CA TYR B 124 -36.13 -17.12 18.57
C TYR B 124 -35.48 -18.45 18.18
N GLY B 125 -34.18 -18.60 18.52
CA GLY B 125 -33.42 -19.78 18.14
C GLY B 125 -33.36 -20.83 19.25
N SER B 126 -33.29 -22.12 18.85
CA SER B 126 -33.16 -23.22 19.79
C SER B 126 -31.87 -23.08 20.59
N SER B 127 -30.91 -22.35 20.03
CA SER B 127 -29.63 -22.05 20.69
C SER B 127 -29.83 -21.11 21.88
N GLY B 128 -30.97 -20.40 21.93
CA GLY B 128 -31.33 -19.56 23.06
C GLY B 128 -31.03 -18.10 22.81
N LYS B 129 -31.46 -17.59 21.64
CA LYS B 129 -31.14 -16.24 21.21
C LYS B 129 -32.35 -15.59 20.57
N PHE B 130 -32.58 -14.31 20.92
CA PHE B 130 -33.55 -13.48 20.21
C PHE B 130 -32.78 -12.61 19.21
N TRP B 131 -33.27 -12.60 17.97
CA TRP B 131 -32.56 -12.00 16.85
C TRP B 131 -33.38 -10.85 16.26
N GLY B 132 -32.68 -9.85 15.74
CA GLY B 132 -33.30 -8.73 15.02
C GLY B 132 -33.74 -7.60 15.95
N HIS B 133 -33.35 -7.69 17.24
CA HIS B 133 -33.78 -6.73 18.25
C HIS B 133 -32.58 -5.89 18.69
N GLU B 134 -32.41 -4.72 18.07
CA GLU B 134 -31.33 -3.79 18.40
C GLU B 134 -31.70 -3.03 19.66
N VAL B 135 -31.25 -3.54 20.82
CA VAL B 135 -31.47 -2.90 22.11
C VAL B 135 -30.11 -2.68 22.78
N GLY B 136 -30.04 -1.64 23.62
CA GLY B 136 -28.80 -1.25 24.27
C GLY B 136 -28.19 -2.39 25.09
N GLY B 137 -26.97 -2.79 24.73
CA GLY B 137 -26.26 -3.85 25.43
C GLY B 137 -26.33 -5.20 24.71
N CYS B 138 -26.99 -5.24 23.55
CA CYS B 138 -27.09 -6.44 22.75
C CYS B 138 -25.73 -6.80 22.16
N SER B 139 -25.58 -8.06 21.74
CA SER B 139 -24.40 -8.49 21.03
C SER B 139 -24.61 -8.35 19.53
N HIS B 140 -23.54 -7.97 18.82
CA HIS B 140 -23.56 -7.80 17.38
C HIS B 140 -22.81 -8.98 16.75
N TRP B 141 -23.43 -9.59 15.72
CA TRP B 141 -22.97 -10.86 15.17
C TRP B 141 -22.15 -10.59 13.92
N GLY B 142 -22.74 -10.83 12.74
CA GLY B 142 -21.99 -10.97 11.51
C GLY B 142 -21.97 -9.64 10.76
N ASN B 143 -23.15 -9.25 10.29
CA ASN B 143 -23.39 -7.90 9.82
C ASN B 143 -23.66 -7.02 11.03
N GLU B 144 -22.94 -7.29 12.13
CA GLU B 144 -23.23 -6.72 13.44
C GLU B 144 -24.71 -6.90 13.75
N ARG B 145 -25.28 -8.01 13.28
CA ARG B 145 -26.70 -8.27 13.43
C ARG B 145 -27.00 -8.39 14.93
N PRO B 146 -27.96 -7.60 15.46
CA PRO B 146 -28.22 -7.57 16.89
C PRO B 146 -28.89 -8.85 17.38
N TYR B 147 -28.27 -9.48 18.39
CA TYR B 147 -28.90 -10.60 19.06
C TYR B 147 -28.78 -10.41 20.57
N ILE B 148 -29.71 -11.06 21.28
CA ILE B 148 -29.71 -11.07 22.73
C ILE B 148 -29.59 -12.53 23.16
N ASP B 149 -28.47 -12.84 23.81
CA ASP B 149 -28.11 -14.21 24.12
C ASP B 149 -28.56 -14.53 25.53
N GLY B 150 -28.55 -15.83 25.87
CA GLY B 150 -28.83 -16.30 27.22
C GLY B 150 -30.30 -16.63 27.43
N GLN B 151 -31.08 -16.62 26.33
CA GLN B 151 -32.51 -16.92 26.40
C GLN B 151 -32.68 -18.43 26.55
N PRO B 152 -33.87 -18.91 27.01
CA PRO B 152 -34.09 -20.34 27.18
C PRO B 152 -33.91 -21.08 25.85
N LYS B 153 -33.11 -22.16 25.89
CA LYS B 153 -33.02 -23.06 24.76
C LYS B 153 -34.31 -23.86 24.69
N PHE B 154 -34.56 -24.47 23.53
CA PHE B 154 -35.69 -25.37 23.41
C PHE B 154 -35.24 -26.59 22.60
N ASP B 155 -35.86 -27.74 22.93
CA ASP B 155 -35.58 -29.00 22.26
C ASP B 155 -36.91 -29.72 22.05
N ARG B 156 -36.85 -31.05 21.89
CA ARG B 156 -38.01 -31.86 21.57
C ARG B 156 -39.05 -31.73 22.68
N ASN B 157 -40.33 -31.71 22.27
CA ASN B 157 -41.48 -31.82 23.16
C ASN B 157 -41.89 -30.45 23.71
N ASN B 158 -41.12 -29.41 23.40
CA ASN B 158 -41.41 -28.08 23.93
C ASN B 158 -42.46 -27.41 23.05
N ILE B 159 -43.23 -26.51 23.67
CA ILE B 159 -44.29 -25.76 23.01
C ILE B 159 -43.93 -24.27 23.06
N ILE B 160 -43.53 -23.72 21.90
CA ILE B 160 -42.98 -22.37 21.83
C ILE B 160 -43.99 -21.46 21.16
N GLY B 161 -44.26 -20.31 21.79
CA GLY B 161 -45.10 -19.28 21.21
C GLY B 161 -44.28 -18.12 20.65
N CYS B 162 -44.77 -17.54 19.54
CA CYS B 162 -44.26 -16.30 18.99
C CYS B 162 -45.43 -15.42 18.57
N GLY B 163 -45.33 -14.12 18.85
CA GLY B 163 -46.42 -13.19 18.57
C GLY B 163 -46.00 -11.73 18.71
N VAL B 164 -46.97 -10.83 18.45
CA VAL B 164 -46.76 -9.40 18.54
C VAL B 164 -48.02 -8.75 19.13
N ASN B 165 -47.84 -7.98 20.21
CA ASN B 165 -48.89 -7.09 20.70
C ASN B 165 -49.01 -5.93 19.70
N LEU B 166 -50.10 -5.92 18.94
CA LEU B 166 -50.22 -5.04 17.77
C LEU B 166 -50.32 -3.58 18.18
N LYS B 167 -50.69 -3.29 19.44
CA LYS B 167 -50.88 -1.93 19.90
C LYS B 167 -49.57 -1.32 20.39
N THR B 168 -48.81 -2.06 21.22
CA THR B 168 -47.54 -1.59 21.75
C THR B 168 -46.38 -1.93 20.81
N ARG B 169 -46.64 -2.86 19.87
CA ARG B 169 -45.68 -3.32 18.87
C ARG B 169 -44.60 -4.18 19.49
N GLN B 170 -44.80 -4.62 20.75
CA GLN B 170 -43.82 -5.41 21.46
C GLN B 170 -43.98 -6.88 21.09
N ILE B 171 -42.86 -7.53 20.79
CA ILE B 171 -42.86 -8.94 20.39
C ILE B 171 -43.09 -9.80 21.63
N ILE B 172 -43.68 -10.98 21.44
CA ILE B 172 -44.07 -11.87 22.52
C ILE B 172 -43.53 -13.27 22.22
N TYR B 173 -42.78 -13.84 23.17
CA TYR B 173 -42.32 -15.21 23.11
C TYR B 173 -42.76 -15.95 24.37
N THR B 174 -43.19 -17.21 24.21
CA THR B 174 -43.57 -18.05 25.33
C THR B 174 -42.92 -19.42 25.20
N HIS B 175 -42.52 -20.01 26.33
CA HIS B 175 -41.88 -21.32 26.37
C HIS B 175 -42.76 -22.26 27.20
N ASN B 176 -43.35 -23.26 26.54
CA ASN B 176 -44.24 -24.22 27.19
C ASN B 176 -45.31 -23.48 28.00
N GLY B 177 -45.77 -22.34 27.49
CA GLY B 177 -46.86 -21.59 28.09
C GLY B 177 -46.41 -20.51 29.07
N ARG B 178 -45.09 -20.34 29.26
CA ARG B 178 -44.55 -19.32 30.15
C ARG B 178 -44.03 -18.15 29.33
N PRO B 179 -44.54 -16.91 29.52
CA PRO B 179 -44.08 -15.75 28.78
C PRO B 179 -42.67 -15.33 29.17
N LEU B 180 -41.90 -14.87 28.17
CA LEU B 180 -40.49 -14.57 28.35
C LEU B 180 -40.29 -13.06 28.32
N GLU B 181 -39.12 -12.62 28.83
CA GLU B 181 -38.74 -11.23 28.90
C GLU B 181 -38.59 -10.66 27.48
N THR B 182 -39.50 -9.74 27.10
CA THR B 182 -39.46 -9.11 25.79
C THR B 182 -39.72 -7.61 25.88
N THR B 183 -39.48 -7.00 27.06
CA THR B 183 -39.68 -5.58 27.25
C THR B 183 -38.73 -4.81 26.35
N GLY B 184 -39.28 -3.97 25.46
CA GLY B 184 -38.49 -3.12 24.58
C GLY B 184 -38.14 -3.79 23.25
N LEU B 185 -38.60 -5.03 23.05
CA LEU B 185 -38.38 -5.75 21.82
C LEU B 185 -39.53 -5.47 20.85
N LEU B 186 -39.38 -4.41 20.03
CA LEU B 186 -40.45 -3.96 19.15
C LEU B 186 -40.24 -4.46 17.72
N VAL B 187 -41.36 -4.75 17.06
CA VAL B 187 -41.39 -5.02 15.62
C VAL B 187 -41.61 -3.69 14.91
N ALA B 188 -40.90 -3.46 13.79
CA ALA B 188 -41.00 -2.20 13.06
C ALA B 188 -42.35 -2.12 12.35
N GLU B 189 -42.95 -0.92 12.32
CA GLU B 189 -44.25 -0.70 11.70
C GLU B 189 -44.04 -0.30 10.24
N SER B 190 -43.60 -1.25 9.40
CA SER B 190 -43.37 -0.99 7.99
C SER B 190 -44.61 -1.38 7.18
N ALA B 191 -44.67 -0.87 5.95
CA ALA B 191 -45.76 -1.18 5.03
C ALA B 191 -45.71 -2.65 4.63
N ALA B 192 -44.52 -3.26 4.70
CA ALA B 192 -44.32 -4.65 4.32
C ALA B 192 -45.03 -5.59 5.30
N GLU B 193 -45.57 -6.68 4.77
CA GLU B 193 -46.27 -7.67 5.58
C GLU B 193 -45.26 -8.69 6.13
N LEU B 194 -45.38 -8.98 7.42
CA LEU B 194 -44.61 -10.04 8.06
C LEU B 194 -45.46 -11.30 8.14
N TYR B 195 -44.82 -12.47 7.90
CA TYR B 195 -45.50 -13.76 7.92
C TYR B 195 -44.85 -14.66 8.97
N PRO B 196 -45.64 -15.48 9.71
CA PRO B 196 -45.05 -16.51 10.59
C PRO B 196 -44.08 -17.40 9.82
N CYS B 197 -42.94 -17.71 10.44
CA CYS B 197 -41.85 -18.39 9.77
C CYS B 197 -41.08 -19.25 10.76
N VAL B 198 -40.66 -20.45 10.31
CA VAL B 198 -39.80 -21.32 11.10
C VAL B 198 -38.67 -21.84 10.20
N SER B 199 -37.48 -21.96 10.79
CA SER B 199 -36.28 -22.39 10.07
C SER B 199 -35.71 -23.64 10.75
N LEU B 200 -35.69 -24.75 10.00
CA LEU B 200 -35.14 -26.02 10.47
C LEU B 200 -33.76 -26.23 9.85
N PHE B 201 -32.97 -27.12 10.45
CA PHE B 201 -31.60 -27.36 10.00
C PHE B 201 -31.31 -28.85 9.89
N THR B 202 -31.49 -29.59 10.98
CA THR B 202 -31.08 -30.98 11.07
C THR B 202 -32.16 -31.88 10.45
N SER B 203 -31.71 -32.95 9.80
CA SER B 203 -32.59 -33.98 9.26
C SER B 203 -33.31 -34.67 10.41
N GLY B 204 -34.61 -34.93 10.23
CA GLY B 204 -35.40 -35.59 11.25
C GLY B 204 -36.17 -34.62 12.15
N ASN B 205 -35.87 -33.32 12.04
CA ASN B 205 -36.60 -32.29 12.76
C ASN B 205 -38.05 -32.22 12.26
N GLU B 206 -38.98 -32.23 13.21
CA GLU B 206 -40.41 -32.16 12.95
C GLU B 206 -41.02 -31.04 13.81
N ILE B 207 -42.02 -30.33 13.25
CA ILE B 207 -42.75 -29.32 13.99
C ILE B 207 -44.23 -29.43 13.66
N GLU B 208 -45.08 -29.00 14.60
CA GLU B 208 -46.50 -28.81 14.34
C GLU B 208 -46.91 -27.42 14.81
N ALA B 209 -47.57 -26.66 13.92
CA ALA B 209 -47.95 -25.29 14.18
C ALA B 209 -49.38 -25.21 14.71
N ASN B 210 -49.59 -24.30 15.67
CA ASN B 210 -50.90 -24.00 16.22
C ASN B 210 -51.23 -22.53 15.95
N PHE B 211 -52.22 -22.29 15.10
CA PHE B 211 -52.68 -20.95 14.77
C PHE B 211 -54.02 -20.67 15.46
N GLY B 212 -54.36 -21.49 16.46
CA GLY B 212 -55.61 -21.35 17.19
C GLY B 212 -56.56 -22.53 16.98
N THR B 213 -56.20 -23.46 16.09
CA THR B 213 -57.02 -24.62 15.79
C THR B 213 -57.05 -25.55 17.00
N LYS B 214 -55.97 -25.56 17.79
CA LYS B 214 -55.93 -26.21 19.10
C LYS B 214 -55.70 -25.15 20.18
N PRO B 215 -55.98 -25.43 21.48
CA PRO B 215 -55.80 -24.43 22.53
C PRO B 215 -54.34 -24.06 22.74
N PHE B 216 -54.05 -22.77 22.93
CA PHE B 216 -52.71 -22.30 23.23
C PHE B 216 -52.35 -22.68 24.67
N LYS B 217 -51.08 -23.01 24.91
CA LYS B 217 -50.59 -23.34 26.23
C LYS B 217 -50.38 -22.07 27.05
N PHE B 218 -49.93 -20.99 26.37
CA PHE B 218 -49.92 -19.66 26.95
C PHE B 218 -51.35 -19.12 26.98
N ASN B 219 -51.84 -18.76 28.18
CA ASN B 219 -53.19 -18.25 28.32
C ASN B 219 -53.16 -16.75 28.01
N ILE B 220 -53.61 -16.39 26.80
CA ILE B 220 -53.57 -15.03 26.30
C ILE B 220 -54.51 -14.17 27.16
N ALA B 221 -55.64 -14.76 27.58
CA ALA B 221 -56.65 -14.07 28.37
C ALA B 221 -56.12 -13.75 29.77
N GLU B 222 -55.21 -14.61 30.26
CA GLU B 222 -54.65 -14.49 31.59
C GLU B 222 -53.16 -14.16 31.50
N GLY B 223 -52.77 -13.51 30.39
CA GLY B 223 -51.40 -13.08 30.17
C GLY B 223 -51.32 -11.65 29.65
N ILE B 224 -52.23 -11.28 28.74
CA ILE B 224 -52.32 -9.94 28.17
C ILE B 224 -53.74 -9.43 28.36
N GLU C 6 29.33 5.73 0.59
CA GLU C 6 30.33 6.83 0.72
C GLU C 6 29.61 8.16 0.92
N GLU C 7 29.80 8.77 2.10
CA GLU C 7 29.32 10.11 2.39
C GLU C 7 30.01 11.12 1.47
N ASP C 8 31.25 10.81 1.05
CA ASP C 8 32.01 11.65 0.13
C ASP C 8 31.23 11.93 -1.15
N ASP C 9 30.38 10.96 -1.58
CA ASP C 9 29.71 11.02 -2.87
C ASP C 9 28.47 11.91 -2.82
N VAL C 10 28.11 12.45 -1.64
CA VAL C 10 26.94 13.30 -1.50
C VAL C 10 27.27 14.72 -1.99
N VAL C 11 26.45 15.24 -2.92
CA VAL C 11 26.79 16.43 -3.70
C VAL C 11 25.73 17.52 -3.52
N GLY C 12 26.18 18.71 -3.09
CA GLY C 12 25.47 19.95 -3.31
C GLY C 12 24.27 20.16 -2.37
N PHE C 13 24.18 19.35 -1.30
CA PHE C 13 23.02 19.36 -0.42
C PHE C 13 23.37 20.00 0.93
N ASP C 14 24.38 20.88 0.93
CA ASP C 14 24.98 21.34 2.17
C ASP C 14 24.14 22.47 2.76
N ASP C 15 23.76 23.44 1.91
CA ASP C 15 22.93 24.57 2.31
C ASP C 15 21.51 24.08 2.60
N GLU C 16 21.10 23.04 1.87
CA GLU C 16 19.84 22.36 2.11
C GLU C 16 19.82 21.83 3.55
N ALA C 17 20.90 21.12 3.92
CA ALA C 17 21.03 20.56 5.26
C ALA C 17 21.02 21.67 6.30
N GLN C 18 21.75 22.76 6.00
CA GLN C 18 21.86 23.91 6.88
C GLN C 18 20.48 24.49 7.18
N THR C 19 19.73 24.79 6.12
CA THR C 19 18.46 25.48 6.25
C THR C 19 17.46 24.61 7.03
N VAL C 20 17.60 23.28 6.90
CA VAL C 20 16.75 22.33 7.61
C VAL C 20 17.16 22.28 9.08
N ILE C 21 18.46 22.32 9.35
CA ILE C 21 18.96 22.32 10.72
C ILE C 21 18.51 23.58 11.44
N ASP C 22 18.44 24.70 10.71
CA ASP C 22 17.99 25.98 11.26
C ASP C 22 16.54 25.87 11.74
N ARG C 23 15.69 25.21 10.94
CA ARG C 23 14.28 25.07 11.25
C ARG C 23 14.07 24.07 12.40
N LEU C 24 15.02 23.14 12.56
CA LEU C 24 15.02 22.19 13.68
C LEU C 24 15.37 22.90 14.98
N LEU C 25 16.32 23.84 14.91
CA LEU C 25 16.81 24.56 16.07
C LEU C 25 15.84 25.69 16.45
N GLU C 26 15.14 26.26 15.47
CA GLU C 26 14.12 27.27 15.71
C GLU C 26 12.86 26.60 16.24
N GLY C 27 11.96 27.40 16.82
CA GLY C 27 10.68 26.92 17.32
C GLY C 27 10.61 26.91 18.85
N SER C 28 9.40 26.62 19.36
CA SER C 28 9.12 26.66 20.78
C SER C 28 9.54 25.35 21.45
N GLY C 29 9.20 25.21 22.74
CA GLY C 29 9.46 23.98 23.49
C GLY C 29 8.56 22.82 23.06
N ASP C 30 7.42 23.14 22.43
CA ASP C 30 6.47 22.12 22.00
C ASP C 30 7.09 21.25 20.91
N LEU C 31 6.47 20.09 20.69
CA LEU C 31 6.87 19.17 19.64
C LEU C 31 6.63 19.83 18.29
N GLU C 32 7.71 19.94 17.49
CA GLU C 32 7.66 20.58 16.18
C GLU C 32 8.06 19.54 15.12
N VAL C 33 7.24 19.42 14.06
CA VAL C 33 7.45 18.40 13.04
C VAL C 33 7.83 19.06 11.71
N ILE C 34 8.90 18.54 11.10
CA ILE C 34 9.51 19.16 9.93
C ILE C 34 9.40 18.19 8.75
N PRO C 35 8.45 18.40 7.83
CA PRO C 35 8.34 17.59 6.61
C PRO C 35 9.15 18.05 5.40
N VAL C 36 10.00 17.14 4.89
CA VAL C 36 10.75 17.34 3.66
C VAL C 36 10.06 16.56 2.55
N VAL C 37 9.72 17.26 1.45
CA VAL C 37 8.92 16.66 0.39
C VAL C 37 9.65 16.79 -0.94
N GLY C 38 9.25 15.93 -1.89
CA GLY C 38 9.82 15.86 -3.22
C GLY C 38 9.49 14.51 -3.84
N MET C 39 9.64 14.40 -5.16
CA MET C 39 9.29 13.16 -5.85
C MET C 39 10.26 12.06 -5.44
N PRO C 40 9.92 10.76 -5.62
CA PRO C 40 10.87 9.69 -5.34
C PRO C 40 12.18 9.89 -6.09
N GLY C 41 13.30 9.56 -5.43
CA GLY C 41 14.63 9.60 -6.04
C GLY C 41 15.30 10.98 -5.98
N LEU C 42 14.60 11.97 -5.41
CA LEU C 42 15.12 13.32 -5.36
C LEU C 42 16.16 13.44 -4.24
N GLY C 43 16.22 12.43 -3.36
CA GLY C 43 17.28 12.30 -2.38
C GLY C 43 16.83 12.66 -0.96
N LYS C 44 15.53 12.55 -0.70
CA LYS C 44 14.96 12.91 0.60
C LYS C 44 15.64 12.10 1.71
N THR C 45 15.73 10.78 1.51
CA THR C 45 16.32 9.88 2.50
C THR C 45 17.79 10.20 2.67
N THR C 46 18.43 10.62 1.57
CA THR C 46 19.85 10.97 1.57
C THR C 46 20.08 12.18 2.46
N LEU C 47 19.25 13.21 2.27
CA LEU C 47 19.36 14.45 3.02
C LEU C 47 19.08 14.18 4.51
N ALA C 48 18.08 13.35 4.78
CA ALA C 48 17.71 13.01 6.15
C ALA C 48 18.90 12.41 6.89
N THR C 49 19.68 11.56 6.19
CA THR C 49 20.85 10.91 6.77
C THR C 49 21.97 11.93 7.02
N LYS C 50 22.11 12.89 6.10
CA LYS C 50 23.11 13.93 6.19
C LYS C 50 22.90 14.76 7.45
N ILE C 51 21.63 15.12 7.72
CA ILE C 51 21.26 15.95 8.87
C ILE C 51 21.37 15.12 10.15
N PHE C 52 21.00 13.84 10.09
CA PHE C 52 21.00 12.95 11.24
C PHE C 52 22.42 12.76 11.80
N LYS C 53 23.43 12.79 10.91
CA LYS C 53 24.82 12.55 11.28
C LYS C 53 25.56 13.86 11.55
N HIS C 54 24.86 14.99 11.37
CA HIS C 54 25.50 16.30 11.48
C HIS C 54 25.92 16.57 12.93
N PRO C 55 27.20 16.96 13.18
CA PRO C 55 27.68 17.23 14.54
C PRO C 55 26.79 18.10 15.42
N LYS C 56 26.25 19.19 14.87
CA LYS C 56 25.50 20.18 15.65
C LYS C 56 24.11 19.63 16.03
N ILE C 57 23.60 18.66 15.25
CA ILE C 57 22.34 18.01 15.55
C ILE C 57 22.56 16.94 16.63
N GLU C 58 23.73 16.29 16.61
CA GLU C 58 24.11 15.33 17.64
C GLU C 58 24.31 16.06 18.97
N TYR C 59 24.71 17.34 18.86
CA TYR C 59 24.97 18.21 19.99
C TYR C 59 23.65 18.63 20.66
N GLU C 60 22.70 19.14 19.87
CA GLU C 60 21.46 19.68 20.39
C GLU C 60 20.53 18.54 20.83
N PHE C 61 20.33 17.57 19.92
CA PHE C 61 19.45 16.44 20.18
C PHE C 61 20.31 15.19 20.40
N PHE C 62 20.51 14.83 21.67
CA PHE C 62 21.30 13.67 22.01
C PHE C 62 20.49 12.40 21.73
N THR C 63 19.21 12.41 22.11
CA THR C 63 18.32 11.29 21.86
C THR C 63 17.90 11.30 20.39
N ARG C 64 18.49 10.39 19.60
CA ARG C 64 18.25 10.33 18.16
C ARG C 64 17.87 8.90 17.76
N LEU C 65 16.92 8.79 16.80
CA LEU C 65 16.44 7.50 16.33
C LEU C 65 15.91 7.63 14.89
N TRP C 66 16.17 6.57 14.11
CA TRP C 66 15.79 6.50 12.71
C TRP C 66 14.76 5.38 12.52
N LEU C 67 13.65 5.69 11.84
CA LEU C 67 12.59 4.72 11.56
C LEU C 67 12.18 4.82 10.09
N TYR C 68 12.22 3.68 9.38
CA TYR C 68 11.75 3.60 8.00
C TYR C 68 10.29 3.15 8.00
N VAL C 69 9.38 4.10 7.73
CA VAL C 69 7.95 3.81 7.74
C VAL C 69 7.52 3.49 6.31
N SER C 70 7.75 2.23 5.92
CA SER C 70 7.35 1.72 4.61
C SER C 70 5.86 1.94 4.40
N GLN C 71 5.45 2.13 3.13
CA GLN C 71 4.05 2.17 2.77
C GLN C 71 3.30 0.97 3.35
N SER C 72 4.03 -0.10 3.71
CA SER C 72 3.44 -1.35 4.18
C SER C 72 3.73 -1.61 5.66
N TYR C 73 3.70 -0.54 6.48
CA TYR C 73 4.08 -0.64 7.89
C TYR C 73 2.84 -0.54 8.77
N LYS C 74 2.85 -1.27 9.90
CA LYS C 74 1.76 -1.28 10.86
C LYS C 74 2.28 -0.79 12.22
N THR C 75 1.38 -0.16 12.99
CA THR C 75 1.75 0.69 14.10
C THR C 75 2.26 -0.13 15.31
N ARG C 76 1.71 -1.35 15.50
CA ARG C 76 2.15 -2.20 16.59
C ARG C 76 3.66 -2.44 16.49
N GLU C 77 4.13 -2.70 15.26
CA GLU C 77 5.53 -3.02 14.99
C GLU C 77 6.44 -1.84 15.31
N LEU C 78 5.95 -0.64 14.99
CA LEU C 78 6.69 0.59 15.20
C LEU C 78 7.01 0.77 16.68
N TYR C 79 5.99 0.61 17.54
CA TYR C 79 6.16 0.78 18.98
C TYR C 79 7.16 -0.26 19.50
N LEU C 80 7.04 -1.50 19.02
CA LEU C 80 7.91 -2.58 19.46
C LEU C 80 9.35 -2.35 18.98
N ASN C 81 9.51 -1.76 17.78
CA ASN C 81 10.82 -1.38 17.27
C ASN C 81 11.48 -0.34 18.19
N ILE C 82 10.71 0.68 18.60
CA ILE C 82 11.20 1.75 19.46
C ILE C 82 11.66 1.16 20.79
N ILE C 83 10.80 0.36 21.43
CA ILE C 83 11.06 -0.18 22.75
C ILE C 83 12.34 -1.00 22.73
N SER C 84 12.53 -1.80 21.66
CA SER C 84 13.70 -2.64 21.52
C SER C 84 14.99 -1.81 21.44
N LYS C 85 14.89 -0.61 20.85
CA LYS C 85 16.04 0.26 20.61
C LYS C 85 16.53 0.84 21.94
N PHE C 86 15.58 1.22 22.82
CA PHE C 86 15.88 1.94 24.04
C PHE C 86 16.25 0.99 25.18
N THR C 87 15.47 -0.11 25.32
CA THR C 87 15.55 -0.97 26.49
C THR C 87 16.20 -2.31 26.14
N GLY C 88 15.91 -2.84 24.94
CA GLY C 88 16.42 -4.14 24.51
C GLY C 88 15.66 -5.31 25.12
N ASN C 89 14.49 -5.01 25.73
CA ASN C 89 13.66 -6.02 26.38
C ASN C 89 12.21 -5.77 25.96
N THR C 90 11.75 -6.51 24.95
CA THR C 90 10.39 -6.38 24.42
C THR C 90 9.52 -7.53 24.94
N LYS C 91 10.12 -8.40 25.77
CA LYS C 91 9.47 -9.58 26.34
C LYS C 91 8.05 -9.27 26.80
N HIS C 92 7.94 -8.29 27.69
CA HIS C 92 6.69 -8.02 28.40
C HIS C 92 5.70 -7.35 27.43
N CYS C 93 6.23 -6.77 26.35
CA CYS C 93 5.45 -5.98 25.41
C CYS C 93 4.97 -6.81 24.22
N ARG C 94 5.39 -8.07 24.13
CA ARG C 94 5.01 -8.95 23.04
C ARG C 94 3.49 -9.21 23.06
N ASP C 95 2.88 -9.13 24.25
CA ASP C 95 1.45 -9.34 24.40
C ASP C 95 0.74 -8.07 24.86
N MET C 96 1.48 -6.95 24.97
CA MET C 96 0.87 -5.68 25.34
C MET C 96 0.03 -5.17 24.15
N SER C 97 -1.09 -4.52 24.45
CA SER C 97 -1.94 -3.93 23.44
C SER C 97 -1.24 -2.71 22.83
N GLU C 98 -1.78 -2.22 21.71
CA GLU C 98 -1.14 -1.14 20.96
C GLU C 98 -1.08 0.14 21.79
N LYS C 99 -2.09 0.37 22.65
CA LYS C 99 -2.10 1.53 23.53
C LYS C 99 -1.06 1.36 24.64
N ASP C 100 -0.97 0.15 25.20
CA ASP C 100 -0.04 -0.15 26.28
C ASP C 100 1.40 -0.01 25.79
N LEU C 101 1.63 -0.38 24.52
CA LEU C 101 2.91 -0.21 23.85
C LEU C 101 3.22 1.27 23.67
N ALA C 102 2.22 2.03 23.20
CA ALA C 102 2.35 3.45 22.93
C ALA C 102 2.64 4.23 24.22
N LEU C 103 1.88 3.92 25.27
CA LEU C 103 2.06 4.55 26.57
C LEU C 103 3.44 4.20 27.13
N LYS C 104 3.89 2.96 26.87
CA LYS C 104 5.20 2.50 27.30
C LYS C 104 6.31 3.32 26.62
N VAL C 105 6.12 3.62 25.33
CA VAL C 105 7.06 4.44 24.57
C VAL C 105 7.01 5.88 25.09
N GLN C 106 5.79 6.37 25.36
CA GLN C 106 5.59 7.72 25.84
C GLN C 106 6.32 7.93 27.16
N GLU C 107 6.32 6.88 28.01
CA GLU C 107 7.05 6.89 29.27
C GLU C 107 8.55 7.06 29.00
N ILE C 108 9.08 6.26 28.07
CA ILE C 108 10.51 6.29 27.74
C ILE C 108 10.90 7.67 27.22
N LEU C 109 9.99 8.32 26.47
CA LEU C 109 10.25 9.61 25.84
C LEU C 109 10.11 10.77 26.82
N GLU C 110 9.24 10.61 27.84
CA GLU C 110 9.08 11.61 28.88
C GLU C 110 10.30 11.61 29.80
N GLU C 111 10.86 10.41 30.02
CA GLU C 111 12.08 10.23 30.79
C GLU C 111 13.29 10.57 29.92
N GLY C 112 13.21 10.21 28.63
CA GLY C 112 14.20 10.64 27.65
C GLY C 112 14.18 12.14 27.45
N GLY C 113 15.34 12.72 27.13
CA GLY C 113 15.52 14.15 27.08
C GLY C 113 15.06 14.75 25.75
N LYS C 114 15.66 15.88 25.36
CA LYS C 114 15.39 16.51 24.08
C LYS C 114 15.74 15.50 22.99
N TYR C 115 14.75 15.18 22.15
CA TYR C 115 14.84 14.03 21.26
C TYR C 115 14.51 14.44 19.82
N LEU C 116 15.07 13.69 18.86
CA LEU C 116 14.85 13.89 17.43
C LEU C 116 14.55 12.55 16.76
N ILE C 117 13.40 12.47 16.08
CA ILE C 117 12.92 11.22 15.51
C ILE C 117 12.85 11.35 13.99
N VAL C 118 13.51 10.43 13.28
CA VAL C 118 13.44 10.40 11.83
C VAL C 118 12.41 9.34 11.41
N LEU C 119 11.41 9.78 10.64
CA LEU C 119 10.42 8.90 10.05
C LEU C 119 10.59 8.96 8.53
N ASP C 120 11.04 7.84 7.93
CA ASP C 120 11.49 7.82 6.55
C ASP C 120 10.42 7.19 5.65
N ASP C 121 9.94 7.98 4.68
CA ASP C 121 8.98 7.58 3.67
C ASP C 121 7.58 7.48 4.27
N VAL C 122 7.16 8.54 4.96
CA VAL C 122 5.83 8.61 5.53
C VAL C 122 4.84 8.61 4.36
N TRP C 123 3.83 7.74 4.46
CA TRP C 123 2.97 7.43 3.33
C TRP C 123 1.60 8.09 3.47
N SER C 124 1.17 8.42 4.70
CA SER C 124 -0.14 8.99 4.94
C SER C 124 -0.19 9.79 6.25
N THR C 125 -1.17 10.70 6.32
CA THR C 125 -1.45 11.47 7.53
C THR C 125 -2.04 10.55 8.59
N ASP C 126 -2.84 9.58 8.14
CA ASP C 126 -3.37 8.53 8.98
C ASP C 126 -2.24 7.87 9.77
N ALA C 127 -1.21 7.43 9.06
CA ALA C 127 -0.05 6.79 9.66
C ALA C 127 0.62 7.74 10.65
N TRP C 128 0.80 8.99 10.23
CA TRP C 128 1.39 10.02 11.09
C TRP C 128 0.59 10.17 12.38
N ASP C 129 -0.73 10.36 12.26
CA ASP C 129 -1.59 10.61 13.40
C ASP C 129 -1.64 9.39 14.33
N ARG C 130 -1.52 8.18 13.76
CA ARG C 130 -1.46 6.95 14.53
C ARG C 130 -0.14 6.86 15.30
N ILE C 131 0.96 7.23 14.63
CA ILE C 131 2.31 7.16 15.18
C ILE C 131 2.46 8.18 16.30
N LYS C 132 1.80 9.34 16.15
CA LYS C 132 2.01 10.48 17.03
C LYS C 132 1.57 10.18 18.46
N ILE C 133 0.75 9.14 18.64
CA ILE C 133 0.21 8.76 19.94
C ILE C 133 1.35 8.45 20.91
N ALA C 134 2.51 8.02 20.38
CA ALA C 134 3.64 7.58 21.19
C ALA C 134 4.47 8.75 21.71
N PHE C 135 4.29 9.96 21.14
CA PHE C 135 5.17 11.07 21.44
C PHE C 135 4.53 12.01 22.47
N PRO C 136 5.16 12.22 23.65
CA PRO C 136 4.62 13.13 24.65
C PRO C 136 4.87 14.60 24.30
N LYS C 137 3.90 15.44 24.67
CA LYS C 137 4.02 16.89 24.60
C LYS C 137 4.67 17.39 25.89
N ASN C 138 5.89 16.90 26.17
CA ASN C 138 6.55 17.19 27.43
C ASN C 138 7.35 18.49 27.30
N ASP C 139 7.24 19.15 26.14
CA ASP C 139 7.56 20.56 26.01
C ASP C 139 9.06 20.76 26.20
N LYS C 140 9.85 19.77 25.77
CA LYS C 140 11.29 19.75 26.01
C LYS C 140 12.06 20.25 24.79
N GLY C 141 11.33 20.83 23.81
CA GLY C 141 11.94 21.30 22.57
C GLY C 141 12.18 20.16 21.59
N ASN C 142 11.28 19.18 21.60
CA ASN C 142 11.42 17.95 20.82
C ASN C 142 11.07 18.21 19.37
N ARG C 143 11.71 17.47 18.44
CA ARG C 143 11.53 17.65 17.01
C ARG C 143 11.38 16.30 16.31
N VAL C 144 10.65 16.27 15.18
CA VAL C 144 10.46 15.07 14.38
C VAL C 144 10.70 15.40 12.91
N LEU C 145 11.68 14.74 12.29
CA LEU C 145 12.01 14.93 10.89
C LEU C 145 11.27 13.89 10.05
N LEU C 146 10.58 14.36 9.00
CA LEU C 146 9.69 13.53 8.21
C LEU C 146 10.04 13.67 6.72
N THR C 147 10.21 12.54 6.03
CA THR C 147 10.40 12.51 4.59
C THR C 147 9.17 11.87 3.94
N THR C 148 8.66 12.49 2.87
CA THR C 148 7.46 12.01 2.20
C THR C 148 7.44 12.42 0.73
N ARG C 149 6.61 11.73 -0.05
CA ARG C 149 6.48 11.94 -1.47
C ARG C 149 5.15 12.63 -1.79
N ASP C 150 4.34 12.87 -0.75
CA ASP C 150 3.04 13.48 -0.92
C ASP C 150 3.07 14.88 -0.29
N HIS C 151 2.81 15.89 -1.12
CA HIS C 151 2.88 17.28 -0.70
C HIS C 151 1.76 17.57 0.30
N ARG C 152 0.65 16.84 0.18
CA ARG C 152 -0.47 16.96 1.09
C ARG C 152 -0.08 16.47 2.49
N VAL C 153 0.70 15.39 2.55
CA VAL C 153 1.13 14.84 3.83
C VAL C 153 1.96 15.90 4.56
N ALA C 154 2.92 16.47 3.83
CA ALA C 154 3.80 17.52 4.36
C ALA C 154 2.98 18.69 4.90
N ARG C 155 2.11 19.25 4.04
CA ARG C 155 1.36 20.47 4.36
C ARG C 155 0.41 20.24 5.54
N TYR C 156 0.03 18.97 5.80
CA TYR C 156 -0.78 18.64 6.96
C TYR C 156 0.06 18.76 8.24
N CYS C 157 1.33 18.37 8.17
CA CYS C 157 2.25 18.48 9.31
C CYS C 157 2.68 19.92 9.51
N ASN C 158 3.05 20.60 8.42
CA ASN C 158 3.53 21.97 8.48
C ASN C 158 3.10 22.70 7.21
N ARG C 159 2.54 23.91 7.37
CA ARG C 159 2.00 24.67 6.26
C ARG C 159 3.13 25.11 5.33
N SER C 160 4.35 25.22 5.85
CA SER C 160 5.50 25.64 5.07
C SER C 160 6.52 24.50 5.01
N PRO C 161 6.25 23.41 4.25
CA PRO C 161 7.18 22.29 4.16
C PRO C 161 8.40 22.63 3.31
N HIS C 162 9.46 21.83 3.46
CA HIS C 162 10.69 22.06 2.73
C HIS C 162 10.66 21.28 1.42
N ASP C 163 10.67 22.02 0.32
CA ASP C 163 10.78 21.42 -1.01
C ASP C 163 12.25 21.17 -1.32
N LEU C 164 12.62 19.88 -1.43
CA LEU C 164 13.98 19.48 -1.75
C LEU C 164 14.27 19.86 -3.21
N LYS C 165 15.42 20.52 -3.39
CA LYS C 165 15.77 21.09 -4.68
C LYS C 165 16.27 20.00 -5.63
N PHE C 166 16.35 20.37 -6.91
CA PHE C 166 17.05 19.57 -7.89
C PHE C 166 18.52 19.95 -7.87
N LEU C 167 19.32 19.28 -8.71
CA LEU C 167 20.71 19.66 -8.90
C LEU C 167 20.84 20.57 -10.11
N THR C 168 21.83 21.47 -10.04
CA THR C 168 22.19 22.30 -11.18
C THR C 168 22.91 21.42 -12.20
N ASP C 169 22.96 21.87 -13.45
CA ASP C 169 23.70 21.19 -14.50
C ASP C 169 25.06 20.75 -13.96
N GLU C 170 25.75 21.71 -13.32
CA GLU C 170 27.11 21.51 -12.85
C GLU C 170 27.14 20.44 -11.76
N GLU C 171 26.23 20.56 -10.78
CA GLU C 171 26.14 19.59 -9.69
C GLU C 171 25.82 18.21 -10.25
N SER C 172 24.96 18.18 -11.28
CA SER C 172 24.59 16.94 -11.96
C SER C 172 25.84 16.26 -12.50
N TRP C 173 26.70 17.04 -13.17
CA TRP C 173 27.92 16.50 -13.78
C TRP C 173 28.86 15.93 -12.73
N ILE C 174 29.04 16.65 -11.62
CA ILE C 174 30.03 16.31 -10.61
C ILE C 174 29.64 15.00 -9.93
N LEU C 175 28.34 14.82 -9.66
CA LEU C 175 27.85 13.58 -9.08
C LEU C 175 28.07 12.43 -10.05
N LEU C 176 27.76 12.67 -11.34
CA LEU C 176 27.88 11.64 -12.37
C LEU C 176 29.34 11.20 -12.50
N GLU C 177 30.24 12.18 -12.57
CA GLU C 177 31.67 11.92 -12.70
C GLU C 177 32.16 11.12 -11.50
N LYS C 178 31.76 11.53 -10.29
CA LYS C 178 32.26 10.93 -9.07
C LYS C 178 31.77 9.49 -8.94
N ARG C 179 30.55 9.20 -9.41
CA ARG C 179 29.97 7.86 -9.32
C ARG C 179 30.44 6.98 -10.47
N ALA C 180 30.57 7.56 -11.67
CA ALA C 180 30.91 6.81 -12.87
C ALA C 180 32.39 6.44 -12.90
N PHE C 181 33.23 7.23 -12.22
CA PHE C 181 34.68 7.03 -12.28
C PHE C 181 35.27 6.77 -10.89
N HIS C 182 34.41 6.57 -9.87
CA HIS C 182 34.84 6.15 -8.54
C HIS C 182 36.05 6.96 -8.06
N LYS C 183 35.83 8.27 -7.88
CA LYS C 183 36.79 9.20 -7.30
C LYS C 183 37.83 9.62 -8.32
N ALA C 184 37.93 8.90 -9.44
CA ALA C 184 38.79 9.31 -10.55
C ALA C 184 38.06 10.37 -11.37
N LYS C 185 38.82 11.09 -12.21
CA LYS C 185 38.27 12.16 -13.02
C LYS C 185 37.89 11.62 -14.39
N CYS C 186 36.92 12.28 -15.04
CA CYS C 186 36.42 11.87 -16.35
C CYS C 186 37.45 12.22 -17.42
N LEU C 187 37.57 11.33 -18.41
CA LEU C 187 38.47 11.57 -19.53
C LEU C 187 37.85 12.64 -20.44
N PRO C 188 38.63 13.65 -20.88
CA PRO C 188 38.09 14.79 -21.62
C PRO C 188 37.20 14.51 -22.83
N GLU C 189 37.44 13.38 -23.51
CA GLU C 189 36.74 13.09 -24.77
C GLU C 189 35.29 12.70 -24.49
N LEU C 190 35.01 12.26 -23.25
CA LEU C 190 33.68 11.86 -22.85
C LEU C 190 32.97 13.00 -22.10
N GLU C 191 33.70 14.09 -21.88
CA GLU C 191 33.21 15.19 -21.03
C GLU C 191 32.00 15.84 -21.67
N THR C 192 32.03 16.05 -22.99
CA THR C 192 30.96 16.73 -23.70
C THR C 192 29.67 15.88 -23.70
N ASN C 193 29.82 14.59 -24.05
CA ASN C 193 28.69 13.67 -24.06
C ASN C 193 28.18 13.48 -22.64
N GLY C 194 29.11 13.35 -21.69
CA GLY C 194 28.79 13.16 -20.29
C GLY C 194 28.00 14.32 -19.69
N LYS C 195 28.40 15.55 -20.02
CA LYS C 195 27.72 16.75 -19.56
C LYS C 195 26.33 16.84 -20.21
N SER C 196 26.23 16.47 -21.49
CA SER C 196 24.95 16.41 -22.16
C SER C 196 24.03 15.42 -21.44
N ILE C 197 24.60 14.25 -21.14
CA ILE C 197 23.90 13.18 -20.43
C ILE C 197 23.42 13.70 -19.07
N ALA C 198 24.33 14.32 -18.30
CA ALA C 198 24.02 14.81 -16.96
C ALA C 198 22.86 15.81 -17.01
N ARG C 199 22.87 16.66 -18.03
CA ARG C 199 21.88 17.71 -18.21
C ARG C 199 20.48 17.12 -18.38
N LYS C 200 20.38 16.07 -19.20
CA LYS C 200 19.11 15.45 -19.53
C LYS C 200 18.51 14.74 -18.32
N CYS C 201 19.30 14.59 -17.24
CA CYS C 201 18.79 14.09 -15.96
C CYS C 201 17.95 15.16 -15.25
N LYS C 202 18.21 16.44 -15.59
CA LYS C 202 17.41 17.56 -15.11
C LYS C 202 17.67 17.83 -13.63
N GLY C 203 18.68 17.18 -13.07
CA GLY C 203 19.06 17.37 -11.67
C GLY C 203 18.33 16.43 -10.71
N LEU C 204 18.08 15.20 -11.17
CA LEU C 204 17.48 14.16 -10.33
C LEU C 204 18.57 13.20 -9.86
N PRO C 205 18.96 13.23 -8.56
CA PRO C 205 20.07 12.41 -8.05
C PRO C 205 20.02 10.94 -8.49
N LEU C 206 18.84 10.33 -8.38
CA LEU C 206 18.70 8.90 -8.60
C LEU C 206 18.94 8.57 -10.06
N ALA C 207 18.36 9.37 -10.98
CA ALA C 207 18.56 9.17 -12.40
C ALA C 207 20.05 9.22 -12.74
N ILE C 208 20.75 10.19 -12.14
CA ILE C 208 22.16 10.41 -12.40
C ILE C 208 22.98 9.22 -11.89
N VAL C 209 22.62 8.71 -10.71
CA VAL C 209 23.40 7.65 -10.08
C VAL C 209 23.17 6.34 -10.84
N VAL C 210 21.95 6.12 -11.35
CA VAL C 210 21.61 4.90 -12.08
C VAL C 210 22.44 4.83 -13.36
N ILE C 211 22.50 5.95 -14.08
CA ILE C 211 23.12 5.99 -15.39
C ILE C 211 24.63 5.89 -15.24
N ALA C 212 25.16 6.32 -14.08
CA ALA C 212 26.57 6.11 -13.75
C ALA C 212 26.89 4.62 -13.76
N GLY C 213 25.97 3.82 -13.20
CA GLY C 213 26.09 2.37 -13.17
C GLY C 213 26.12 1.74 -14.56
N ALA C 214 25.33 2.31 -15.47
CA ALA C 214 25.30 1.85 -16.85
C ALA C 214 26.62 2.16 -17.56
N LEU C 215 27.17 3.36 -17.30
CA LEU C 215 28.35 3.86 -18.00
C LEU C 215 29.60 3.14 -17.50
N ILE C 216 29.65 2.84 -16.19
CA ILE C 216 30.70 2.00 -15.62
C ILE C 216 30.82 0.74 -16.46
N GLY C 217 29.68 0.09 -16.73
CA GLY C 217 29.62 -1.17 -17.44
C GLY C 217 29.90 -1.03 -18.93
N LYS C 218 29.65 0.18 -19.48
CA LYS C 218 29.94 0.46 -20.87
C LYS C 218 31.40 0.88 -21.02
N SER C 219 31.99 0.53 -22.17
CA SER C 219 33.37 0.88 -22.47
C SER C 219 33.49 2.39 -22.48
N LYS C 220 34.64 2.89 -22.02
CA LYS C 220 34.89 4.32 -21.96
C LYS C 220 35.32 4.78 -23.35
N THR C 221 34.41 4.64 -24.33
CA THR C 221 34.64 5.05 -25.70
C THR C 221 33.60 6.10 -26.09
N ILE C 222 34.00 7.01 -26.96
CA ILE C 222 33.18 8.15 -27.34
C ILE C 222 31.89 7.65 -27.96
N LYS C 223 31.99 6.59 -28.79
CA LYS C 223 30.86 6.10 -29.55
C LYS C 223 29.78 5.52 -28.63
N GLU C 224 30.19 4.80 -27.57
CA GLU C 224 29.24 4.16 -26.68
C GLU C 224 28.52 5.20 -25.81
N TRP C 225 29.24 6.26 -25.44
CA TRP C 225 28.68 7.30 -24.59
C TRP C 225 27.69 8.16 -25.36
N GLU C 226 27.96 8.41 -26.65
CA GLU C 226 27.07 9.23 -27.45
C GLU C 226 25.83 8.43 -27.83
N GLN C 227 25.99 7.11 -28.09
CA GLN C 227 24.86 6.21 -28.25
C GLN C 227 23.87 6.42 -27.10
N VAL C 228 24.43 6.43 -25.89
CA VAL C 228 23.66 6.63 -24.67
C VAL C 228 23.02 8.02 -24.70
N ASP C 229 23.85 9.05 -24.90
CA ASP C 229 23.40 10.43 -24.88
C ASP C 229 22.27 10.63 -25.88
N GLN C 230 22.38 9.99 -27.05
CA GLN C 230 21.40 10.10 -28.12
C GLN C 230 20.12 9.37 -27.73
N SER C 231 20.26 8.19 -27.12
CA SER C 231 19.11 7.35 -26.78
C SER C 231 18.33 7.94 -25.61
N VAL C 232 19.04 8.62 -24.69
CA VAL C 232 18.39 9.39 -23.66
C VAL C 232 17.78 10.63 -24.29
N GLY C 233 16.53 10.51 -24.73
CA GLY C 233 15.73 11.65 -25.16
C GLY C 233 15.57 12.67 -24.03
N GLU C 234 15.31 13.93 -24.41
CA GLU C 234 15.33 15.06 -23.50
C GLU C 234 14.30 14.89 -22.38
N HIS C 235 13.17 14.25 -22.67
CA HIS C 235 12.07 14.20 -21.72
C HIS C 235 11.76 12.76 -21.29
N PHE C 236 12.82 11.97 -20.99
CA PHE C 236 12.67 10.58 -20.61
C PHE C 236 12.09 10.45 -19.20
N ILE C 237 12.40 11.43 -18.33
CA ILE C 237 11.82 11.48 -17.00
C ILE C 237 10.50 12.27 -17.09
N ASN C 238 9.41 11.54 -17.39
CA ASN C 238 8.13 12.16 -17.68
C ASN C 238 7.42 12.43 -16.35
N ARG C 239 6.77 13.59 -16.24
CA ARG C 239 6.11 14.04 -15.02
C ARG C 239 4.99 13.08 -14.61
N ASP C 240 4.39 12.38 -15.59
CA ASP C 240 3.28 11.46 -15.37
C ASP C 240 3.76 10.20 -14.65
N GLN C 241 4.78 9.55 -15.23
CA GLN C 241 5.52 8.50 -14.54
C GLN C 241 7.01 8.85 -14.59
N PRO C 242 7.55 9.56 -13.56
CA PRO C 242 8.97 9.45 -13.22
C PRO C 242 9.26 8.03 -12.73
N ASN C 243 8.22 7.36 -12.21
CA ASN C 243 8.21 5.93 -11.93
C ASN C 243 8.47 5.11 -13.20
N SER C 244 8.33 5.76 -14.36
CA SER C 244 8.75 5.21 -15.64
C SER C 244 10.09 5.81 -16.06
N CYS C 245 11.07 5.74 -15.13
CA CYS C 245 12.48 5.83 -15.47
C CYS C 245 13.00 4.44 -15.84
N ASP C 246 12.06 3.54 -16.18
CA ASP C 246 12.37 2.14 -16.44
C ASP C 246 13.34 2.04 -17.61
N LYS C 247 13.24 2.98 -18.55
CA LYS C 247 14.10 3.01 -19.73
C LYS C 247 15.52 3.38 -19.33
N LEU C 248 15.66 4.22 -18.31
CA LEU C 248 16.97 4.59 -17.78
C LEU C 248 17.57 3.39 -17.06
N VAL C 249 16.72 2.67 -16.32
CA VAL C 249 17.12 1.45 -15.61
C VAL C 249 17.49 0.37 -16.63
N ARG C 250 16.64 0.21 -17.67
CA ARG C 250 16.78 -0.82 -18.68
C ARG C 250 18.15 -0.69 -19.35
N MET C 251 18.58 0.55 -19.56
CA MET C 251 19.85 0.85 -20.20
C MET C 251 21.01 0.33 -19.36
N SER C 252 20.91 0.50 -18.04
CA SER C 252 21.91 -0.03 -17.11
C SER C 252 21.79 -1.55 -17.02
N TYR C 253 20.54 -2.03 -17.06
CA TYR C 253 20.21 -3.45 -16.89
C TYR C 253 20.77 -4.28 -18.05
N ASP C 254 20.57 -3.79 -19.28
CA ASP C 254 20.94 -4.55 -20.47
C ASP C 254 22.46 -4.73 -20.55
N VAL C 255 23.21 -3.91 -19.81
CA VAL C 255 24.67 -3.98 -19.81
C VAL C 255 25.16 -5.08 -18.86
N LEU C 256 24.31 -5.49 -17.91
CA LEU C 256 24.68 -6.48 -16.92
C LEU C 256 24.80 -7.86 -17.58
N PRO C 257 25.87 -8.64 -17.27
CA PRO C 257 25.88 -10.08 -17.54
C PRO C 257 24.63 -10.80 -17.07
N TYR C 258 24.33 -11.94 -17.71
CA TYR C 258 23.11 -12.69 -17.47
C TYR C 258 23.03 -13.11 -16.00
N ASP C 259 24.20 -13.47 -15.42
CA ASP C 259 24.28 -13.92 -14.04
C ASP C 259 23.77 -12.85 -13.07
N TRP C 260 24.11 -11.57 -13.34
CA TRP C 260 23.78 -10.48 -12.44
C TRP C 260 22.35 -10.01 -12.65
N LYS C 261 21.84 -10.16 -13.89
CA LYS C 261 20.46 -9.82 -14.21
C LYS C 261 19.52 -10.58 -13.26
N ALA C 262 19.72 -11.90 -13.19
CA ALA C 262 18.89 -12.78 -12.37
C ALA C 262 18.96 -12.35 -10.91
N CYS C 263 20.18 -12.15 -10.40
CA CYS C 263 20.40 -11.76 -9.01
C CYS C 263 19.68 -10.44 -8.71
N PHE C 264 19.74 -9.51 -9.67
CA PHE C 264 19.14 -8.19 -9.51
C PHE C 264 17.61 -8.29 -9.50
N LEU C 265 17.06 -9.07 -10.45
CA LEU C 265 15.61 -9.22 -10.53
C LEU C 265 15.10 -9.99 -9.31
N TYR C 266 15.97 -10.79 -8.69
CA TYR C 266 15.61 -11.56 -7.50
C TYR C 266 15.08 -10.65 -6.40
N PHE C 267 15.49 -9.38 -6.42
CA PHE C 267 15.01 -8.39 -5.46
C PHE C 267 13.49 -8.20 -5.59
N GLY C 268 12.94 -8.49 -6.78
CA GLY C 268 11.50 -8.47 -6.99
C GLY C 268 10.74 -9.49 -6.14
N THR C 269 11.44 -10.55 -5.66
CA THR C 269 10.81 -11.65 -4.94
C THR C 269 10.57 -11.30 -3.47
N PHE C 270 11.16 -10.18 -3.01
CA PHE C 270 10.95 -9.70 -1.65
C PHE C 270 9.89 -8.61 -1.64
N PRO C 271 9.41 -8.15 -0.46
CA PRO C 271 8.49 -7.02 -0.39
C PRO C 271 9.19 -5.72 -0.73
N ARG C 272 8.41 -4.73 -1.18
CA ARG C 272 8.91 -3.43 -1.58
C ARG C 272 9.61 -2.74 -0.42
N GLY C 273 10.84 -2.25 -0.67
CA GLY C 273 11.58 -1.44 0.28
C GLY C 273 12.10 -2.22 1.48
N TYR C 274 12.21 -3.55 1.33
CA TYR C 274 12.52 -4.42 2.46
C TYR C 274 14.02 -4.39 2.75
N LEU C 275 14.36 -4.32 4.04
CA LEU C 275 15.74 -4.28 4.48
C LEU C 275 16.30 -5.69 4.51
N ILE C 276 17.22 -5.98 3.58
CA ILE C 276 17.72 -7.32 3.36
C ILE C 276 19.10 -7.47 3.99
N PRO C 277 19.29 -8.40 4.97
CA PRO C 277 20.63 -8.79 5.40
C PRO C 277 21.42 -9.53 4.32
N ALA C 278 22.62 -9.00 4.01
CA ALA C 278 23.37 -9.37 2.82
C ALA C 278 23.77 -10.85 2.86
N ARG C 279 24.21 -11.33 4.03
CA ARG C 279 24.71 -12.69 4.15
C ARG C 279 23.56 -13.68 4.00
N LYS C 280 22.34 -13.24 4.31
CA LYS C 280 21.15 -14.05 4.09
C LYS C 280 20.90 -14.16 2.58
N LEU C 281 21.05 -13.03 1.88
CA LEU C 281 20.82 -12.95 0.45
C LEU C 281 21.82 -13.82 -0.30
N ILE C 282 23.10 -13.77 0.13
CA ILE C 282 24.16 -14.59 -0.44
C ILE C 282 23.69 -16.04 -0.50
N ARG C 283 23.23 -16.58 0.63
CA ARG C 283 22.88 -17.98 0.77
C ARG C 283 21.70 -18.33 -0.14
N LEU C 284 20.77 -17.37 -0.32
CA LEU C 284 19.58 -17.60 -1.11
C LEU C 284 19.91 -17.57 -2.61
N TRP C 285 20.77 -16.62 -3.02
CA TRP C 285 21.24 -16.55 -4.40
C TRP C 285 21.92 -17.86 -4.80
N ILE C 286 22.67 -18.44 -3.85
CA ILE C 286 23.32 -19.73 -4.06
C ILE C 286 22.26 -20.80 -4.28
N ALA C 287 21.19 -20.73 -3.49
CA ALA C 287 20.11 -21.71 -3.55
C ALA C 287 19.41 -21.68 -4.92
N GLU C 288 19.19 -20.47 -5.44
CA GLU C 288 18.44 -20.30 -6.67
C GLU C 288 19.30 -20.66 -7.89
N GLY C 289 20.62 -20.73 -7.67
CA GLY C 289 21.55 -21.23 -8.68
C GLY C 289 21.98 -20.14 -9.66
N PHE C 290 21.94 -18.88 -9.21
CA PHE C 290 22.40 -17.77 -10.04
C PHE C 290 23.92 -17.72 -10.01
N ILE C 291 24.52 -18.11 -8.87
CA ILE C 291 25.95 -18.07 -8.67
C ILE C 291 26.56 -19.33 -9.28
N GLN C 292 27.07 -19.19 -10.50
CA GLN C 292 27.70 -20.28 -11.21
C GLN C 292 29.10 -20.50 -10.65
N TYR C 293 29.33 -21.66 -10.01
CA TYR C 293 30.64 -22.02 -9.51
C TYR C 293 31.55 -22.26 -10.70
N ARG C 294 32.17 -21.18 -11.21
CA ARG C 294 33.08 -21.29 -12.34
C ARG C 294 34.46 -20.84 -11.89
N GLY C 295 35.41 -21.77 -11.97
CA GLY C 295 36.78 -21.53 -11.55
C GLY C 295 36.97 -21.82 -10.06
N ASP C 296 37.93 -21.10 -9.47
CA ASP C 296 38.35 -21.31 -8.09
C ASP C 296 37.30 -20.75 -7.14
N LEU C 297 36.55 -19.75 -7.61
CA LEU C 297 35.63 -18.99 -6.76
C LEU C 297 34.63 -19.92 -6.10
N SER C 298 34.64 -19.91 -4.76
CA SER C 298 33.60 -20.50 -3.96
C SER C 298 32.32 -19.69 -4.17
N PRO C 299 31.12 -20.29 -3.98
CA PRO C 299 29.87 -19.60 -4.32
C PRO C 299 29.59 -18.38 -3.45
N GLU C 300 30.11 -18.38 -2.21
CA GLU C 300 29.89 -17.29 -1.26
C GLU C 300 30.69 -16.06 -1.69
N CYS C 301 31.95 -16.30 -2.08
CA CYS C 301 32.82 -15.24 -2.55
C CYS C 301 32.28 -14.67 -3.87
N LYS C 302 31.82 -15.56 -4.75
CA LYS C 302 31.29 -15.18 -6.05
C LYS C 302 29.99 -14.39 -5.87
N ALA C 303 29.19 -14.76 -4.85
CA ALA C 303 27.94 -14.08 -4.55
C ALA C 303 28.21 -12.67 -4.02
N GLU C 304 29.24 -12.53 -3.18
CA GLU C 304 29.56 -11.23 -2.59
C GLU C 304 30.19 -10.31 -3.65
N GLU C 305 30.93 -10.91 -4.60
CA GLU C 305 31.49 -10.17 -5.72
C GLU C 305 30.37 -9.58 -6.57
N TYR C 306 29.39 -10.43 -6.91
CA TYR C 306 28.21 -9.99 -7.65
C TYR C 306 27.50 -8.87 -6.90
N LEU C 307 27.39 -9.01 -5.57
CA LEU C 307 26.76 -8.02 -4.72
C LEU C 307 27.54 -6.71 -4.76
N ASN C 308 28.86 -6.79 -4.55
CA ASN C 308 29.73 -5.63 -4.58
C ASN C 308 29.64 -4.96 -5.95
N GLU C 309 29.51 -5.78 -7.01
CA GLU C 309 29.44 -5.27 -8.37
C GLU C 309 28.08 -4.59 -8.62
N LEU C 310 27.00 -5.16 -8.10
CA LEU C 310 25.68 -4.54 -8.25
C LEU C 310 25.63 -3.24 -7.46
N VAL C 311 26.46 -3.14 -6.40
CA VAL C 311 26.61 -1.90 -5.66
C VAL C 311 27.48 -0.91 -6.46
N ASN C 312 28.49 -1.43 -7.17
CA ASN C 312 29.31 -0.62 -8.09
C ASN C 312 28.45 -0.02 -9.19
N ARG C 313 27.47 -0.80 -9.69
CA ARG C 313 26.53 -0.35 -10.69
C ARG C 313 25.45 0.52 -10.06
N ASN C 314 25.50 0.66 -8.72
CA ASN C 314 24.70 1.63 -7.99
C ASN C 314 23.22 1.24 -7.98
N LEU C 315 22.91 0.06 -8.53
CA LEU C 315 21.52 -0.40 -8.67
C LEU C 315 21.01 -0.89 -7.32
N VAL C 316 21.95 -1.33 -6.46
CA VAL C 316 21.62 -1.70 -5.10
C VAL C 316 22.25 -0.66 -4.17
N MET C 317 21.48 -0.26 -3.15
CA MET C 317 21.89 0.76 -2.22
C MET C 317 22.39 0.09 -0.93
N VAL C 318 23.55 0.54 -0.43
CA VAL C 318 24.12 0.01 0.80
C VAL C 318 23.45 0.71 1.98
N MET C 319 22.82 -0.06 2.87
CA MET C 319 22.08 0.48 4.01
C MET C 319 22.97 0.51 5.26
N GLN C 320 23.73 -0.58 5.47
CA GLN C 320 24.68 -0.66 6.57
C GLN C 320 25.93 -1.43 6.12
N ARG C 321 27.06 -1.10 6.73
CA ARG C 321 28.29 -1.86 6.56
C ARG C 321 28.69 -2.50 7.89
N THR C 322 29.33 -3.67 7.81
CA THR C 322 29.87 -4.34 8.97
C THR C 322 31.17 -3.65 9.39
N VAL C 323 31.73 -4.12 10.51
CA VAL C 323 33.05 -3.73 10.94
C VAL C 323 34.10 -4.24 9.94
N ASP C 324 33.72 -5.27 9.14
CA ASP C 324 34.58 -5.79 8.09
C ASP C 324 34.67 -4.82 6.91
N GLY C 325 33.76 -3.84 6.87
CA GLY C 325 33.65 -2.95 5.71
C GLY C 325 32.85 -3.60 4.59
N GLN C 326 32.33 -4.80 4.85
CA GLN C 326 31.45 -5.50 3.93
C GLN C 326 30.02 -5.00 4.13
N ILE C 327 29.14 -5.39 3.21
CA ILE C 327 27.75 -4.95 3.21
C ILE C 327 26.98 -5.74 4.27
N LYS C 328 26.38 -5.03 5.24
CA LYS C 328 25.63 -5.66 6.32
C LYS C 328 24.18 -5.87 5.89
N THR C 329 23.55 -4.77 5.44
CA THR C 329 22.17 -4.79 4.97
C THR C 329 22.07 -3.92 3.73
N CYS C 330 21.13 -4.27 2.84
CA CYS C 330 21.02 -3.60 1.55
C CYS C 330 19.55 -3.36 1.20
N ARG C 331 19.34 -2.49 0.21
CA ARG C 331 18.01 -2.10 -0.24
C ARG C 331 18.09 -1.63 -1.70
N VAL C 332 17.04 -1.92 -2.46
CA VAL C 332 16.86 -1.39 -3.80
C VAL C 332 15.75 -0.35 -3.72
N HIS C 333 15.93 0.79 -4.39
CA HIS C 333 14.98 1.89 -4.26
C HIS C 333 13.63 1.48 -4.83
N ASP C 334 12.58 2.11 -4.31
CA ASP C 334 11.20 1.78 -4.62
C ASP C 334 10.91 1.89 -6.10
N MET C 335 11.61 2.80 -6.78
CA MET C 335 11.43 2.99 -8.22
C MET C 335 12.13 1.86 -8.97
N LEU C 336 13.24 1.38 -8.42
CA LEU C 336 13.96 0.24 -8.98
C LEU C 336 13.15 -1.03 -8.78
N TYR C 337 12.38 -1.10 -7.69
CA TYR C 337 11.54 -2.25 -7.41
C TYR C 337 10.45 -2.39 -8.46
N GLU C 338 9.89 -1.26 -8.92
CA GLU C 338 8.90 -1.25 -9.99
C GLU C 338 9.44 -2.02 -11.19
N PHE C 339 10.66 -1.68 -11.60
CA PHE C 339 11.32 -2.30 -12.74
C PHE C 339 11.54 -3.79 -12.47
N CYS C 340 12.12 -4.10 -11.30
CA CYS C 340 12.42 -5.48 -10.94
C CYS C 340 11.14 -6.31 -10.92
N TRP C 341 10.05 -5.73 -10.42
CA TRP C 341 8.78 -6.43 -10.32
C TRP C 341 8.19 -6.64 -11.72
N GLN C 342 8.15 -5.58 -12.53
CA GLN C 342 7.49 -5.62 -13.84
C GLN C 342 8.21 -6.57 -14.79
N GLU C 343 9.53 -6.41 -14.89
CA GLU C 343 10.32 -7.12 -15.88
C GLU C 343 10.55 -8.56 -15.43
N ALA C 344 10.60 -8.81 -14.11
CA ALA C 344 10.82 -10.16 -13.60
C ALA C 344 9.57 -11.03 -13.71
N THR C 345 8.40 -10.41 -13.97
CA THR C 345 7.18 -11.17 -14.25
C THR C 345 7.09 -11.50 -15.75
N THR C 346 7.87 -10.77 -16.57
CA THR C 346 7.93 -10.99 -18.01
C THR C 346 9.00 -12.01 -18.37
N GLU C 347 10.14 -11.98 -17.64
CA GLU C 347 11.29 -12.83 -17.93
C GLU C 347 11.24 -14.12 -17.10
N GLU D 19 16.93 58.54 -21.87
CA GLU D 19 16.18 57.25 -21.88
C GLU D 19 16.95 56.16 -22.63
N SER D 20 17.78 56.59 -23.60
CA SER D 20 18.88 55.78 -24.11
C SER D 20 20.13 55.99 -23.25
N THR D 21 19.99 56.80 -22.19
CA THR D 21 21.09 57.26 -21.36
C THR D 21 21.35 56.25 -20.24
N PRO D 22 22.60 55.74 -20.12
CA PRO D 22 22.92 54.73 -19.10
C PRO D 22 22.91 55.26 -17.66
N VAL D 23 22.34 54.46 -16.75
CA VAL D 23 22.25 54.77 -15.33
C VAL D 23 23.32 53.98 -14.57
N LEU D 24 24.52 54.56 -14.47
CA LEU D 24 25.71 53.84 -14.00
C LEU D 24 25.75 53.80 -12.48
N THR D 25 26.06 52.61 -11.93
CA THR D 25 26.48 52.47 -10.53
C THR D 25 27.98 52.21 -10.51
N LEU D 26 28.78 53.24 -10.81
CA LEU D 26 30.20 53.07 -11.14
C LEU D 26 31.00 52.58 -9.93
N GLN D 27 30.63 53.06 -8.73
CA GLN D 27 31.33 52.72 -7.50
C GLN D 27 30.65 51.54 -6.82
N ASN D 28 29.90 50.74 -7.60
CA ASN D 28 29.36 49.47 -7.12
C ASN D 28 30.49 48.45 -7.10
N ARG D 29 30.49 47.57 -6.09
CA ARG D 29 31.58 46.64 -5.86
C ARG D 29 31.01 45.33 -5.33
N TRP D 30 31.74 44.22 -5.55
CA TRP D 30 31.38 42.94 -4.98
C TRP D 30 31.51 43.03 -3.46
N ALA D 31 30.52 42.47 -2.74
CA ALA D 31 30.43 42.67 -1.30
C ALA D 31 29.42 41.70 -0.69
N TYR D 32 29.84 41.02 0.40
CA TYR D 32 28.92 40.28 1.25
C TYR D 32 28.31 41.26 2.25
N SER D 33 26.98 41.22 2.42
CA SER D 33 26.30 42.12 3.35
C SER D 33 26.48 41.61 4.78
N ALA D 34 26.17 42.48 5.75
CA ALA D 34 26.26 42.15 7.16
C ALA D 34 25.44 40.89 7.47
N ARG D 35 24.26 40.79 6.86
CA ARG D 35 23.37 39.65 7.04
C ARG D 35 23.95 38.42 6.33
N ASP D 36 24.55 38.63 5.15
CA ASP D 36 25.17 37.53 4.40
C ASP D 36 26.33 36.96 5.21
N GLU D 37 27.12 37.84 5.82
CA GLU D 37 28.24 37.42 6.64
C GLU D 37 27.75 36.74 7.93
N LYS D 38 26.62 37.22 8.47
CA LYS D 38 26.02 36.64 9.67
C LYS D 38 25.72 35.15 9.45
N LEU D 39 25.05 34.84 8.33
CA LEU D 39 24.64 33.47 8.01
C LEU D 39 25.82 32.67 7.42
N ALA D 40 26.80 33.37 6.85
CA ALA D 40 27.99 32.74 6.29
C ALA D 40 28.92 32.25 7.42
N TRP D 41 28.90 32.97 8.55
CA TRP D 41 29.66 32.60 9.75
C TRP D 41 28.79 31.72 10.67
N ASP D 42 27.47 31.69 10.45
CA ASP D 42 26.57 30.77 11.13
C ASP D 42 26.88 29.34 10.70
N SER D 43 27.35 29.17 9.45
CA SER D 43 27.91 27.91 8.98
C SER D 43 29.42 27.89 9.27
N ALA D 44 29.87 26.91 10.07
CA ALA D 44 31.18 26.95 10.70
C ALA D 44 32.32 26.70 9.70
N ALA D 45 31.98 26.31 8.47
CA ALA D 45 32.99 26.03 7.46
C ALA D 45 33.38 27.32 6.74
N ARG D 46 34.66 27.71 6.86
CA ARG D 46 35.16 28.97 6.32
C ARG D 46 35.67 28.77 4.88
N ASP D 47 36.31 27.62 4.62
CA ASP D 47 37.16 27.44 3.44
C ASP D 47 36.31 27.18 2.18
N GLU D 48 35.05 27.64 2.19
CA GLU D 48 34.18 27.50 1.04
C GLU D 48 34.02 28.82 0.30
N LYS D 49 34.82 29.84 0.69
CA LYS D 49 34.50 31.21 0.32
C LYS D 49 35.50 31.74 -0.70
N LEU D 50 35.10 32.87 -1.32
CA LEU D 50 35.81 33.48 -2.44
C LEU D 50 36.70 34.59 -1.91
N GLU D 51 37.83 34.83 -2.59
CA GLU D 51 38.73 35.90 -2.19
C GLU D 51 38.45 37.13 -3.04
N LEU D 52 38.42 38.30 -2.38
CA LEU D 52 38.14 39.58 -3.01
C LEU D 52 39.42 40.41 -3.09
N THR D 53 39.70 40.96 -4.27
CA THR D 53 40.87 41.80 -4.48
C THR D 53 40.54 43.24 -4.09
N GLU D 54 40.69 43.55 -2.81
CA GLU D 54 40.35 44.87 -2.27
C GLU D 54 41.59 45.76 -2.35
N PRO D 55 41.46 47.11 -2.39
CA PRO D 55 40.18 47.81 -2.20
C PRO D 55 39.32 47.98 -3.45
N ALA D 56 39.77 47.45 -4.58
CA ALA D 56 39.00 47.48 -5.82
C ALA D 56 37.71 46.69 -5.64
N GLY D 57 37.84 45.43 -5.19
CA GLY D 57 36.71 44.55 -4.96
C GLY D 57 35.91 44.29 -6.24
N LEU D 58 36.60 44.38 -7.38
CA LEU D 58 36.02 44.11 -8.69
C LEU D 58 36.51 42.75 -9.18
N ILE D 59 37.66 42.29 -8.66
CA ILE D 59 38.19 40.98 -8.98
C ILE D 59 37.76 40.00 -7.87
N VAL D 60 37.24 38.82 -8.29
CA VAL D 60 36.87 37.75 -7.38
C VAL D 60 37.53 36.46 -7.86
N GLN D 61 37.99 35.66 -6.90
CA GLN D 61 38.69 34.42 -7.17
C GLN D 61 38.08 33.31 -6.31
N PHE D 62 37.81 32.15 -6.93
CA PHE D 62 37.37 30.97 -6.20
C PHE D 62 38.58 30.24 -5.66
N ILE D 63 38.74 30.24 -4.32
CA ILE D 63 39.94 29.72 -3.67
C ILE D 63 39.63 28.44 -2.88
N GLY D 64 38.39 27.94 -2.99
CA GLY D 64 38.03 26.66 -2.38
C GLY D 64 38.73 25.48 -3.06
N GLU D 65 38.96 24.42 -2.27
CA GLU D 65 39.63 23.22 -2.75
C GLU D 65 38.69 22.38 -3.60
N ASN D 66 37.48 22.15 -3.08
CA ASN D 66 36.45 21.38 -3.77
C ASN D 66 35.46 22.32 -4.43
N SER D 67 35.04 21.95 -5.64
CA SER D 67 34.27 22.82 -6.51
C SER D 67 32.79 22.72 -6.17
N LYS D 68 32.18 23.87 -5.84
CA LYS D 68 30.74 23.95 -5.63
C LYS D 68 30.24 25.35 -5.96
N HIS D 69 28.94 25.47 -6.26
CA HIS D 69 28.31 26.74 -6.59
C HIS D 69 28.46 27.71 -5.43
N ARG D 70 29.12 28.85 -5.71
CA ARG D 70 29.30 29.91 -4.73
C ARG D 70 29.03 31.26 -5.40
N SER D 71 28.17 32.06 -4.78
CA SER D 71 27.72 33.31 -5.37
C SER D 71 28.22 34.49 -4.55
N VAL D 72 28.38 35.64 -5.22
CA VAL D 72 28.69 36.91 -4.58
C VAL D 72 27.87 37.99 -5.27
N ARG D 73 27.42 38.97 -4.48
CA ARG D 73 26.56 40.05 -4.96
C ARG D 73 27.28 41.39 -4.83
N ALA D 74 26.76 42.39 -5.55
CA ALA D 74 27.28 43.75 -5.50
C ALA D 74 26.66 44.50 -4.33
N LYS D 75 27.33 45.58 -3.93
CA LYS D 75 26.95 46.37 -2.77
C LYS D 75 25.63 47.10 -3.03
N LEU D 76 25.50 47.72 -4.22
CA LEU D 76 24.35 48.54 -4.56
C LEU D 76 23.40 47.76 -5.47
N PRO D 77 22.06 47.92 -5.34
CA PRO D 77 21.11 47.31 -6.26
C PRO D 77 20.95 48.11 -7.54
N ILE D 78 20.10 47.60 -8.44
CA ILE D 78 19.78 48.28 -9.69
C ILE D 78 18.94 49.51 -9.38
N PRO D 79 19.05 50.60 -10.18
CA PRO D 79 18.10 51.71 -10.13
C PRO D 79 16.67 51.25 -10.44
N LYS D 80 15.69 51.84 -9.74
CA LYS D 80 14.31 51.42 -9.84
C LYS D 80 13.50 52.42 -10.68
N GLY D 81 14.19 53.25 -11.49
CA GLY D 81 13.51 54.23 -12.33
C GLY D 81 12.92 53.59 -13.59
N ASN D 82 12.16 54.39 -14.35
CA ASN D 82 11.61 53.99 -15.64
C ASN D 82 12.39 54.65 -16.76
N SER D 83 13.68 54.92 -16.52
CA SER D 83 14.48 55.73 -17.44
C SER D 83 15.92 55.24 -17.45
N GLY D 84 16.47 55.10 -18.65
CA GLY D 84 17.86 54.71 -18.84
C GLY D 84 18.06 53.20 -18.70
N ILE D 85 19.34 52.82 -18.63
CA ILE D 85 19.77 51.42 -18.69
C ILE D 85 20.68 51.15 -17.50
N PHE D 86 20.42 50.06 -16.75
CA PHE D 86 21.41 49.50 -15.85
C PHE D 86 22.20 48.43 -16.61
N TYR D 87 23.53 48.43 -16.41
CA TYR D 87 24.42 47.58 -17.19
C TYR D 87 25.77 47.44 -16.48
N TYR D 88 26.30 46.20 -16.48
CA TYR D 88 27.65 45.93 -16.02
C TYR D 88 28.27 44.85 -16.90
N GLU D 89 29.61 44.77 -16.92
CA GLU D 89 30.30 43.77 -17.71
C GLU D 89 31.26 42.99 -16.82
N VAL D 90 31.55 41.74 -17.20
CA VAL D 90 32.43 40.86 -16.45
C VAL D 90 33.43 40.22 -17.40
N THR D 91 34.72 40.40 -17.12
CA THR D 91 35.77 39.74 -17.87
C THR D 91 36.18 38.47 -17.14
N ILE D 92 36.34 37.38 -17.90
CA ILE D 92 36.55 36.07 -17.33
C ILE D 92 38.00 35.67 -17.52
N SER D 93 38.67 35.25 -16.44
CA SER D 93 39.96 34.59 -16.56
C SER D 93 39.94 33.31 -15.73
N GLY D 94 41.04 32.55 -15.79
CA GLY D 94 41.10 31.23 -15.19
C GLY D 94 40.53 30.17 -16.14
N ASP D 95 39.80 29.21 -15.57
CA ASP D 95 39.22 28.11 -16.33
C ASP D 95 38.03 28.65 -17.13
N GLY D 96 37.23 29.48 -16.47
CA GLY D 96 36.17 30.23 -17.13
C GLY D 96 34.89 29.41 -17.33
N ASP D 97 34.81 28.24 -16.66
CA ASP D 97 33.74 27.30 -16.94
C ASP D 97 32.94 27.10 -15.65
N ALA D 98 31.65 26.74 -15.81
CA ALA D 98 30.70 26.60 -14.71
C ALA D 98 30.54 27.94 -13.99
N ILE D 99 30.19 28.97 -14.76
CA ILE D 99 30.00 30.32 -14.24
C ILE D 99 28.61 30.78 -14.63
N TYR D 100 27.96 31.56 -13.74
CA TYR D 100 26.64 32.09 -14.00
C TYR D 100 26.57 33.56 -13.58
N ILE D 101 26.16 34.43 -14.52
CA ILE D 101 26.14 35.87 -14.32
C ILE D 101 24.71 36.37 -14.47
N GLY D 102 24.29 37.30 -13.59
CA GLY D 102 22.95 37.85 -13.67
C GLY D 102 22.57 38.75 -12.50
N LEU D 103 21.28 38.72 -12.15
CA LEU D 103 20.68 39.62 -11.16
C LEU D 103 19.96 38.78 -10.10
N ALA D 104 20.34 38.98 -8.83
CA ALA D 104 19.83 38.16 -7.74
C ALA D 104 19.15 39.04 -6.68
N THR D 105 18.17 38.46 -5.99
CA THR D 105 17.59 39.09 -4.81
C THR D 105 18.59 38.99 -3.66
N GLU D 106 18.38 39.81 -2.61
CA GLU D 106 19.28 39.82 -1.47
C GLU D 106 19.11 38.54 -0.65
N GLN D 107 17.95 37.87 -0.80
CA GLN D 107 17.65 36.66 -0.05
C GLN D 107 18.34 35.45 -0.67
N MET D 108 18.88 35.59 -1.89
CA MET D 108 19.45 34.46 -2.61
C MET D 108 20.58 33.82 -1.80
N PRO D 109 20.55 32.49 -1.56
CA PRO D 109 21.69 31.79 -0.96
C PRO D 109 22.96 31.89 -1.79
N LEU D 110 24.09 32.01 -1.11
CA LEU D 110 25.38 32.21 -1.78
C LEU D 110 26.09 30.86 -1.95
N ARG D 111 25.42 29.77 -1.61
CA ARG D 111 25.98 28.42 -1.68
C ARG D 111 25.01 27.47 -2.36
N ASP D 112 25.56 26.50 -3.09
CA ASP D 112 24.80 25.38 -3.65
C ASP D 112 23.67 25.86 -4.55
N THR D 113 23.83 27.04 -5.17
CA THR D 113 22.88 27.56 -6.13
C THR D 113 23.58 28.61 -6.99
N HIS D 114 23.06 28.83 -8.20
CA HIS D 114 23.60 29.85 -9.08
C HIS D 114 22.47 30.83 -9.44
N VAL D 115 22.88 32.04 -9.85
CA VAL D 115 21.94 33.09 -10.24
C VAL D 115 21.17 32.60 -11.47
N GLY D 116 19.87 32.92 -11.51
CA GLY D 116 18.99 32.41 -12.55
C GLY D 116 18.31 31.11 -12.14
N TYR D 117 19.10 30.17 -11.59
CA TYR D 117 18.59 28.94 -11.00
C TYR D 117 17.71 29.28 -9.80
N ASN D 118 18.21 30.19 -8.96
CA ASN D 118 17.50 30.62 -7.77
C ASN D 118 16.25 31.41 -8.19
N GLU D 119 15.17 31.24 -7.42
CA GLU D 119 13.86 31.74 -7.83
C GLU D 119 13.82 33.27 -7.67
N GLY D 120 13.16 33.95 -8.61
CA GLY D 120 13.08 35.39 -8.61
C GLY D 120 14.35 36.06 -9.14
N THR D 121 15.30 35.23 -9.59
CA THR D 121 16.57 35.71 -10.12
C THR D 121 16.66 35.34 -11.60
N TYR D 122 17.51 36.05 -12.34
CA TYR D 122 17.72 35.82 -13.76
C TYR D 122 19.22 35.73 -14.02
N GLY D 123 19.63 34.81 -14.92
CA GLY D 123 21.05 34.53 -15.07
C GLY D 123 21.42 34.02 -16.46
N TYR D 124 22.70 34.23 -16.80
CA TYR D 124 23.33 33.73 -18.02
C TYR D 124 24.47 32.79 -17.62
N GLY D 125 24.35 31.51 -17.98
CA GLY D 125 25.31 30.49 -17.59
C GLY D 125 26.36 30.22 -18.67
N SER D 126 27.58 29.87 -18.24
CA SER D 126 28.66 29.54 -19.13
C SER D 126 28.29 28.34 -20.01
N SER D 127 27.33 27.54 -19.51
CA SER D 127 26.80 26.40 -20.25
C SER D 127 25.98 26.83 -21.47
N GLY D 128 25.54 28.10 -21.48
CA GLY D 128 24.87 28.68 -22.64
C GLY D 128 23.35 28.71 -22.46
N LYS D 129 22.90 29.18 -21.29
CA LYS D 129 21.49 29.15 -20.93
C LYS D 129 21.10 30.46 -20.25
N PHE D 130 19.93 30.98 -20.62
CA PHE D 130 19.30 32.07 -19.89
C PHE D 130 18.25 31.49 -18.95
N TRP D 131 18.30 31.90 -17.69
CA TRP D 131 17.50 31.30 -16.63
C TRP D 131 16.54 32.33 -16.04
N GLY D 132 15.38 31.86 -15.58
CA GLY D 132 14.42 32.68 -14.87
C GLY D 132 13.44 33.40 -15.79
N HIS D 133 13.46 33.06 -17.08
CA HIS D 133 12.65 33.71 -18.08
C HIS D 133 11.58 32.75 -18.59
N GLU D 134 10.39 32.81 -17.98
CA GLU D 134 9.25 31.99 -18.35
C GLU D 134 8.61 32.59 -19.60
N VAL D 135 9.04 32.09 -20.78
CA VAL D 135 8.52 32.56 -22.05
C VAL D 135 8.02 31.34 -22.83
N GLY D 136 7.04 31.56 -23.72
CA GLY D 136 6.42 30.50 -24.49
C GLY D 136 7.44 29.71 -25.30
N GLY D 137 7.54 28.41 -25.01
CA GLY D 137 8.45 27.53 -25.71
C GLY D 137 9.72 27.21 -24.92
N CYS D 138 9.86 27.80 -23.72
CA CYS D 138 11.05 27.59 -22.90
C CYS D 138 11.03 26.17 -22.33
N SER D 139 12.21 25.71 -21.91
CA SER D 139 12.35 24.40 -21.29
C SER D 139 12.23 24.55 -19.77
N HIS D 140 11.60 23.56 -19.13
CA HIS D 140 11.41 23.53 -17.69
C HIS D 140 12.37 22.50 -17.10
N TRP D 141 13.09 22.87 -16.02
CA TRP D 141 14.29 22.15 -15.62
C TRP D 141 14.06 21.12 -14.52
N GLY D 142 14.00 21.61 -13.28
CA GLY D 142 13.95 20.76 -12.11
C GLY D 142 12.68 21.05 -11.33
N ASN D 143 12.62 22.26 -10.78
CA ASN D 143 11.40 22.81 -10.23
C ASN D 143 10.58 23.38 -11.40
N GLU D 144 10.65 22.70 -12.55
CA GLU D 144 10.16 23.23 -13.81
C GLU D 144 10.70 24.65 -14.02
N ARG D 145 11.92 24.90 -13.54
CA ARG D 145 12.48 26.23 -13.59
C ARG D 145 12.69 26.58 -15.06
N PRO D 146 12.15 27.71 -15.55
CA PRO D 146 12.23 28.05 -16.97
C PRO D 146 13.64 28.45 -17.39
N TYR D 147 14.16 27.76 -18.42
CA TYR D 147 15.41 28.16 -19.05
C TYR D 147 15.25 28.16 -20.56
N ILE D 148 16.12 28.94 -21.20
CA ILE D 148 16.19 29.01 -22.65
C ILE D 148 17.59 28.58 -23.06
N ASP D 149 17.68 27.44 -23.76
CA ASP D 149 18.95 26.80 -24.04
C ASP D 149 19.42 27.22 -25.43
N GLY D 150 20.70 26.94 -25.72
CA GLY D 150 21.27 27.15 -27.03
C GLY D 150 21.94 28.52 -27.16
N GLN D 151 22.07 29.23 -26.03
CA GLN D 151 22.68 30.56 -26.02
C GLN D 151 24.19 30.39 -26.12
N PRO D 152 24.94 31.45 -26.50
CA PRO D 152 26.40 31.35 -26.61
C PRO D 152 27.02 30.95 -25.27
N LYS D 153 27.88 29.93 -25.30
CA LYS D 153 28.71 29.60 -24.15
C LYS D 153 29.76 30.69 -24.00
N PHE D 154 30.35 30.77 -22.81
CA PHE D 154 31.48 31.66 -22.60
C PHE D 154 32.53 30.93 -21.79
N ASP D 155 33.79 31.28 -22.05
CA ASP D 155 34.94 30.70 -21.38
C ASP D 155 35.93 31.83 -21.10
N ARG D 156 37.20 31.46 -20.90
CA ARG D 156 38.25 32.40 -20.51
C ARG D 156 38.38 33.49 -21.57
N ASN D 157 38.62 34.72 -21.11
CA ASN D 157 39.00 35.86 -21.93
C ASN D 157 37.78 36.57 -22.50
N ASN D 158 36.57 36.04 -22.26
CA ASN D 158 35.37 36.63 -22.82
C ASN D 158 34.91 37.77 -21.91
N ILE D 159 34.21 38.74 -22.51
CA ILE D 159 33.70 39.92 -21.83
C ILE D 159 32.17 39.91 -21.94
N ILE D 160 31.51 39.59 -20.82
CA ILE D 160 30.07 39.35 -20.81
C ILE D 160 29.36 40.51 -20.12
N GLY D 161 28.32 41.05 -20.77
CA GLY D 161 27.49 42.08 -20.18
C GLY D 161 26.15 41.52 -19.69
N CYS D 162 25.66 42.09 -18.59
CA CYS D 162 24.30 41.86 -18.11
C CYS D 162 23.69 43.18 -17.66
N GLY D 163 22.41 43.39 -17.99
CA GLY D 163 21.75 44.65 -17.68
C GLY D 163 20.24 44.58 -17.89
N VAL D 164 19.57 45.72 -17.65
CA VAL D 164 18.12 45.85 -17.77
C VAL D 164 17.80 47.23 -18.34
N ASN D 165 17.03 47.26 -19.44
CA ASN D 165 16.41 48.49 -19.91
C ASN D 165 15.30 48.84 -18.94
N LEU D 166 15.49 49.90 -18.15
CA LEU D 166 14.64 50.17 -17.00
C LEU D 166 13.24 50.60 -17.42
N LYS D 167 13.06 51.05 -18.67
CA LYS D 167 11.77 51.54 -19.15
C LYS D 167 10.90 50.39 -19.66
N THR D 168 11.48 49.51 -20.50
CA THR D 168 10.75 48.38 -21.07
C THR D 168 10.84 47.16 -20.16
N ARG D 169 11.80 47.19 -19.21
CA ARG D 169 12.04 46.14 -18.23
C ARG D 169 12.64 44.90 -18.88
N GLN D 170 13.13 45.04 -20.13
CA GLN D 170 13.69 43.93 -20.87
C GLN D 170 15.16 43.75 -20.48
N ILE D 171 15.55 42.49 -20.22
CA ILE D 171 16.89 42.17 -19.78
C ILE D 171 17.83 42.25 -20.99
N ILE D 172 19.10 42.57 -20.73
CA ILE D 172 20.10 42.78 -21.76
C ILE D 172 21.32 41.92 -21.44
N TYR D 173 21.74 41.09 -22.39
CA TYR D 173 22.98 40.34 -22.31
C TYR D 173 23.85 40.64 -23.54
N THR D 174 25.16 40.79 -23.32
CA THR D 174 26.10 41.01 -24.41
C THR D 174 27.29 40.06 -24.26
N HIS D 175 27.82 39.57 -25.39
CA HIS D 175 28.96 38.68 -25.40
C HIS D 175 30.09 39.35 -26.18
N ASN D 176 31.18 39.68 -25.48
CA ASN D 176 32.33 40.37 -26.05
C ASN D 176 31.89 41.60 -26.84
N GLY D 177 30.85 42.28 -26.34
CA GLY D 177 30.38 43.52 -26.94
C GLY D 177 29.25 43.36 -27.95
N ARG D 178 28.81 42.12 -28.20
CA ARG D 178 27.73 41.86 -29.14
C ARG D 178 26.44 41.58 -28.36
N PRO D 179 25.35 42.37 -28.58
CA PRO D 179 24.08 42.15 -27.88
C PRO D 179 23.37 40.88 -28.35
N LEU D 180 22.73 40.18 -27.40
CA LEU D 180 22.13 38.88 -27.64
C LEU D 180 20.61 38.99 -27.66
N GLU D 181 19.95 37.96 -28.20
CA GLU D 181 18.50 37.88 -28.33
C GLU D 181 17.87 37.85 -26.95
N THR D 182 17.15 38.92 -26.58
CA THR D 182 16.47 39.00 -25.29
C THR D 182 15.07 39.59 -25.42
N THR D 183 14.46 39.47 -26.62
CA THR D 183 13.12 39.98 -26.87
C THR D 183 12.12 39.25 -25.97
N GLY D 184 11.42 40.00 -25.11
CA GLY D 184 10.38 39.45 -24.26
C GLY D 184 10.90 38.89 -22.93
N LEU D 185 12.21 39.03 -22.69
CA LEU D 185 12.82 38.58 -21.44
C LEU D 185 12.78 39.72 -20.43
N LEU D 186 11.71 39.77 -19.62
CA LEU D 186 11.52 40.83 -18.65
C LEU D 186 11.90 40.33 -17.25
N VAL D 187 12.57 41.19 -16.46
CA VAL D 187 12.66 40.98 -15.02
C VAL D 187 11.49 41.71 -14.36
N ALA D 188 10.92 41.08 -13.34
CA ALA D 188 9.67 41.53 -12.73
C ALA D 188 9.90 42.84 -11.97
N GLU D 189 8.88 43.71 -12.02
CA GLU D 189 8.91 44.98 -11.32
C GLU D 189 8.33 44.82 -9.92
N SER D 190 9.08 44.14 -9.05
CA SER D 190 8.68 43.91 -7.67
C SER D 190 9.28 44.98 -6.76
N ALA D 191 8.74 45.06 -5.53
CA ALA D 191 9.23 46.01 -4.53
C ALA D 191 10.66 45.64 -4.12
N ALA D 192 11.03 44.36 -4.27
CA ALA D 192 12.34 43.88 -3.87
C ALA D 192 13.41 44.43 -4.80
N GLU D 193 14.59 44.72 -4.23
CA GLU D 193 15.72 45.23 -4.98
C GLU D 193 16.51 44.04 -5.53
N LEU D 194 16.89 44.13 -6.82
CA LEU D 194 17.78 43.17 -7.45
C LEU D 194 19.21 43.72 -7.43
N TYR D 195 20.19 42.85 -7.17
CA TYR D 195 21.59 43.20 -7.10
C TYR D 195 22.39 42.41 -8.13
N PRO D 196 23.41 43.02 -8.81
CA PRO D 196 24.31 42.27 -9.67
C PRO D 196 24.94 41.10 -8.91
N CYS D 197 25.02 39.94 -9.57
CA CYS D 197 25.41 38.71 -8.92
C CYS D 197 26.13 37.79 -9.92
N VAL D 198 27.17 37.11 -9.44
CA VAL D 198 27.87 36.11 -10.23
C VAL D 198 28.08 34.86 -9.36
N SER D 199 27.97 33.69 -10.00
CA SER D 199 28.12 32.40 -9.33
C SER D 199 29.25 31.61 -9.98
N LEU D 200 30.30 31.32 -9.20
CA LEU D 200 31.43 30.53 -9.64
C LEU D 200 31.31 29.12 -9.07
N PHE D 201 32.05 28.17 -9.67
CA PHE D 201 31.96 26.78 -9.28
C PHE D 201 33.35 26.15 -9.13
N THR D 202 34.15 26.21 -10.20
CA THR D 202 35.41 25.50 -10.25
C THR D 202 36.50 26.32 -9.58
N SER D 203 37.42 25.63 -8.90
CA SER D 203 38.59 26.26 -8.30
C SER D 203 39.46 26.85 -9.40
N GLY D 204 40.00 28.05 -9.17
CA GLY D 204 40.86 28.72 -10.12
C GLY D 204 40.11 29.70 -11.03
N ASN D 205 38.77 29.70 -10.95
CA ASN D 205 37.96 30.64 -11.71
C ASN D 205 38.18 32.05 -11.17
N GLU D 206 38.45 32.99 -12.09
CA GLU D 206 38.69 34.38 -11.76
C GLU D 206 37.80 35.25 -12.65
N ILE D 207 37.28 36.34 -12.07
CA ILE D 207 36.46 37.29 -12.81
C ILE D 207 36.84 38.71 -12.39
N GLU D 208 36.61 39.66 -13.31
CA GLU D 208 36.83 41.07 -13.04
C GLU D 208 35.62 41.85 -13.53
N ALA D 209 35.01 42.64 -12.64
CA ALA D 209 33.73 43.28 -12.92
C ALA D 209 33.97 44.72 -13.38
N ASN D 210 33.17 45.17 -14.36
CA ASN D 210 33.19 46.53 -14.86
C ASN D 210 31.81 47.15 -14.62
N PHE D 211 31.77 48.14 -13.72
CA PHE D 211 30.55 48.86 -13.42
C PHE D 211 30.57 50.24 -14.06
N GLY D 212 31.50 50.45 -15.01
CA GLY D 212 31.65 51.74 -15.67
C GLY D 212 33.00 52.40 -15.39
N THR D 213 33.81 51.79 -14.50
CA THR D 213 35.11 52.33 -14.16
C THR D 213 36.06 52.22 -15.36
N LYS D 214 35.86 51.20 -16.20
CA LYS D 214 36.50 51.11 -17.51
C LYS D 214 35.43 51.16 -18.60
N PRO D 215 35.80 51.46 -19.87
CA PRO D 215 34.81 51.51 -20.95
C PRO D 215 34.21 50.14 -21.23
N PHE D 216 32.89 50.11 -21.46
CA PHE D 216 32.18 48.89 -21.82
C PHE D 216 32.54 48.51 -23.26
N LYS D 217 32.59 47.21 -23.53
CA LYS D 217 32.86 46.70 -24.87
C LYS D 217 31.59 46.80 -25.72
N PHE D 218 30.42 46.57 -25.09
CA PHE D 218 29.14 46.89 -25.71
C PHE D 218 28.93 48.40 -25.67
N ASN D 219 28.73 49.01 -26.84
CA ASN D 219 28.54 50.45 -26.92
C ASN D 219 27.08 50.74 -26.65
N ILE D 220 26.78 51.20 -25.43
CA ILE D 220 25.41 51.46 -24.98
C ILE D 220 24.82 52.61 -25.81
N ALA D 221 25.67 53.59 -26.14
CA ALA D 221 25.26 54.76 -26.90
C ALA D 221 24.89 54.37 -28.34
N GLU D 222 25.54 53.31 -28.85
CA GLU D 222 25.35 52.85 -30.21
C GLU D 222 24.69 51.48 -30.20
N GLY D 223 23.93 51.20 -29.14
CA GLY D 223 23.14 49.98 -29.00
C GLY D 223 21.70 50.27 -28.58
N ILE D 224 21.53 51.19 -27.61
CA ILE D 224 20.24 51.55 -27.06
C ILE D 224 20.08 53.07 -27.10
PB ADP E . -11.47 -13.58 1.32
O1B ADP E . -11.39 -14.01 -0.11
O2B ADP E . -12.84 -13.07 1.71
O3B ADP E . -10.36 -12.65 1.73
PA ADP E . -10.80 -16.38 1.71
O1A ADP E . -11.55 -16.74 0.47
O2A ADP E . -9.32 -16.43 1.67
O3A ADP E . -11.25 -14.92 2.18
O5' ADP E . -11.36 -17.25 2.93
C5' ADP E . -10.48 -17.60 4.03
C4' ADP E . -10.77 -19.01 4.43
O4' ADP E . -12.20 -19.16 4.58
C3' ADP E . -10.34 -20.09 3.43
O3' ADP E . -9.19 -20.77 3.93
C2' ADP E . -11.55 -21.03 3.30
O2' ADP E . -11.21 -22.37 3.61
C1' ADP E . -12.54 -20.50 4.33
N9 ADP E . -13.93 -20.53 3.87
C8 ADP E . -14.59 -19.53 3.20
N7 ADP E . -15.83 -19.82 2.92
C5 ADP E . -16.02 -21.09 3.45
C6 ADP E . -17.13 -21.96 3.47
N6 ADP E . -18.31 -21.67 2.94
N1 ADP E . -16.97 -23.16 4.07
C2 ADP E . -15.77 -23.45 4.59
N3 ADP E . -14.66 -22.72 4.63
C4 ADP E . -14.85 -21.54 4.03
PB ADP F . 14.06 9.68 -2.03
O1B ADP F . 13.00 8.71 -2.47
O2B ADP F . 13.80 11.09 -2.51
O3B ADP F . 14.33 9.62 -0.55
PA ADP F . 16.74 8.52 -2.12
O1A ADP F . 16.50 7.04 -2.02
O2A ADP F . 17.16 9.26 -0.91
O3A ADP F . 15.43 9.21 -2.73
O5' ADP F . 17.77 8.81 -3.31
C5' ADP F . 18.06 7.77 -4.28
C4' ADP F . 19.53 7.82 -4.60
O4' ADP F . 19.90 9.21 -4.79
C3' ADP F . 20.46 7.28 -3.52
O3' ADP F . 20.94 5.99 -3.88
C2' ADP F . 21.61 8.29 -3.44
O2' ADP F . 22.85 7.70 -3.73
C1' ADP F . 21.25 9.37 -4.46
N9 ADP F . 21.45 10.73 -3.97
C8 ADP F . 20.49 11.57 -3.46
N7 ADP F . 20.95 12.74 -3.09
C5 ADP F . 22.30 12.67 -3.37
C6 ADP F . 23.36 13.59 -3.22
N6 ADP F . 23.21 14.82 -2.71
N1 ADP F . 24.60 13.20 -3.60
C2 ADP F . 24.75 11.97 -4.11
N3 ADP F . 23.84 11.02 -4.31
C4 ADP F . 22.62 11.44 -3.91
#